data_4XOO
#
_entry.id   4XOO
#
_cell.length_a   137.135
_cell.length_b   137.135
_cell.length_c   101.395
_cell.angle_alpha   90.00
_cell.angle_beta   90.00
_cell.angle_gamma   90.00
#
_symmetry.space_group_name_H-M   'P 41 21 2'
#
loop_
_entity.id
_entity.type
_entity.pdbx_description
1 polymer 'Coenzyme F420:L-glutamate ligase'
2 non-polymer 'FLAVIN MONONUCLEOTIDE'
3 water water
#
_entity_poly.entity_id   1
_entity_poly.type   'polypeptide(L)'
_entity_poly.pdbx_seq_one_letter_code
;GAMTAEALELGRQQAQLLRRSVRRFSTDPVPGDLVEAAVAEALTAPAPHHTRPTRFVWLQTPAIRARLLDRMKDKWRSDL
TSDGLPADAIERRVARGQILYDAPEVVIPMLVPDGAHSYPDAARTDAEHTMFTVAVGAAVQALLVALAVRGLGSCWIGST
IFAADLVRDELDLPVDWEPLGAIAIGYADEPSGLRDPVPAADLLILK
;
_entity_poly.pdbx_strand_id   A,B,C,D
#
loop_
_chem_comp.id
_chem_comp.type
_chem_comp.name
_chem_comp.formula
FMN non-polymer 'FLAVIN MONONUCLEOTIDE' 'C17 H21 N4 O9 P'
#
# COMPACT_ATOMS: atom_id res chain seq x y z
N ARG A 12 32.89 -10.62 -13.99
CA ARG A 12 32.25 -9.36 -13.51
C ARG A 12 31.90 -8.55 -14.75
N GLN A 13 32.89 -8.40 -15.62
CA GLN A 13 32.64 -7.93 -17.00
C GLN A 13 31.73 -8.94 -17.72
N GLN A 14 31.84 -10.21 -17.32
CA GLN A 14 31.07 -11.32 -17.87
C GLN A 14 29.53 -11.32 -17.59
N ALA A 15 29.12 -11.10 -16.34
CA ALA A 15 27.80 -11.54 -15.85
C ALA A 15 26.64 -11.16 -16.77
N GLN A 16 26.52 -9.87 -17.03
CA GLN A 16 25.39 -9.34 -17.76
C GLN A 16 25.42 -9.73 -19.24
N LEU A 17 26.63 -10.05 -19.74
CA LEU A 17 26.81 -10.44 -21.11
C LEU A 17 26.42 -11.92 -21.35
N LEU A 18 26.25 -12.69 -20.29
CA LEU A 18 25.73 -14.04 -20.47
C LEU A 18 24.21 -13.98 -20.70
N ARG A 19 23.59 -12.87 -20.34
CA ARG A 19 22.14 -12.79 -20.42
C ARG A 19 21.68 -12.58 -21.85
N ARG A 20 21.04 -13.61 -22.39
CA ARG A 20 20.39 -13.56 -23.71
C ARG A 20 18.88 -13.91 -23.58
N SER A 21 18.05 -13.49 -24.53
CA SER A 21 16.67 -13.98 -24.52
C SER A 21 16.66 -15.34 -25.23
N VAL A 22 16.47 -16.44 -24.49
CA VAL A 22 16.58 -17.79 -25.07
C VAL A 22 15.20 -18.35 -25.32
N ARG A 23 14.93 -18.90 -26.50
CA ARG A 23 13.58 -19.40 -26.85
C ARG A 23 13.42 -20.92 -27.07
N ARG A 24 14.51 -21.65 -26.97
CA ARG A 24 14.53 -23.11 -27.11
C ARG A 24 15.38 -23.63 -25.93
N PHE A 25 14.74 -24.47 -25.11
CA PHE A 25 15.41 -25.09 -23.96
C PHE A 25 15.62 -26.57 -24.12
N SER A 26 16.65 -27.11 -23.50
CA SER A 26 16.79 -28.58 -23.49
C SER A 26 15.73 -29.16 -22.57
N THR A 27 15.68 -30.49 -22.54
CA THR A 27 14.79 -31.22 -21.61
C THR A 27 15.40 -31.48 -20.22
N ASP A 28 16.69 -31.20 -20.05
CA ASP A 28 17.31 -31.14 -18.73
C ASP A 28 16.36 -30.46 -17.71
N PRO A 29 16.19 -31.07 -16.52
CA PRO A 29 15.41 -30.37 -15.53
C PRO A 29 16.26 -29.31 -14.84
N VAL A 30 15.60 -28.34 -14.24
CA VAL A 30 16.26 -27.21 -13.62
C VAL A 30 16.27 -27.38 -12.11
N PRO A 31 17.44 -27.41 -11.48
CA PRO A 31 17.42 -27.59 -10.03
C PRO A 31 16.76 -26.42 -9.33
N GLY A 32 15.84 -26.72 -8.40
CA GLY A 32 14.98 -25.73 -7.77
C GLY A 32 15.79 -24.74 -6.97
N ASP A 33 16.89 -25.23 -6.38
CA ASP A 33 17.72 -24.35 -5.53
C ASP A 33 18.39 -23.21 -6.31
N LEU A 34 18.57 -23.42 -7.63
CA LEU A 34 19.12 -22.38 -8.47
C LEU A 34 18.03 -21.30 -8.72
N VAL A 35 16.77 -21.73 -8.86
CA VAL A 35 15.67 -20.77 -9.12
C VAL A 35 15.54 -19.92 -7.85
N GLU A 36 15.46 -20.60 -6.69
CA GLU A 36 15.44 -19.90 -5.40
C GLU A 36 16.64 -18.96 -5.22
N ALA A 37 17.88 -19.46 -5.40
CA ALA A 37 19.03 -18.62 -5.14
C ALA A 37 19.02 -17.42 -6.09
N ALA A 38 18.69 -17.68 -7.35
CA ALA A 38 18.63 -16.63 -8.32
C ALA A 38 17.57 -15.54 -7.94
N VAL A 39 16.45 -15.93 -7.32
CA VAL A 39 15.40 -14.93 -6.95
C VAL A 39 15.97 -14.09 -5.78
N ALA A 40 16.66 -14.73 -4.82
CA ALA A 40 17.34 -13.98 -3.72
C ALA A 40 18.24 -12.88 -4.30
N GLU A 41 18.97 -13.22 -5.37
CA GLU A 41 19.90 -12.27 -6.00
C GLU A 41 19.12 -11.18 -6.73
N ALA A 42 18.09 -11.56 -7.47
CA ALA A 42 17.24 -10.55 -8.10
C ALA A 42 16.71 -9.46 -7.18
N LEU A 43 16.27 -9.86 -5.99
CA LEU A 43 15.75 -8.93 -5.00
C LEU A 43 16.81 -8.04 -4.38
N THR A 44 18.03 -8.09 -4.88
CA THR A 44 19.03 -7.17 -4.43
C THR A 44 18.87 -5.88 -5.18
N ALA A 45 18.14 -5.92 -6.29
CA ALA A 45 17.80 -4.71 -7.07
C ALA A 45 17.31 -3.61 -6.16
N PRO A 46 17.56 -2.32 -6.51
CA PRO A 46 17.06 -1.29 -5.61
C PRO A 46 15.56 -1.16 -5.60
N ALA A 47 15.07 -0.55 -4.53
CA ALA A 47 13.64 -0.36 -4.31
C ALA A 47 13.50 0.85 -3.46
N PRO A 48 12.43 1.64 -3.69
CA PRO A 48 12.23 2.84 -2.92
C PRO A 48 12.14 2.54 -1.40
N HIS A 49 12.58 3.48 -0.56
CA HIS A 49 12.69 3.22 0.88
C HIS A 49 11.39 2.69 1.50
N HIS A 50 11.56 1.64 2.32
CA HIS A 50 10.51 1.00 3.07
C HIS A 50 9.42 0.42 2.14
N THR A 51 9.77 0.11 0.89
CA THR A 51 8.84 -0.51 -0.04
C THR A 51 9.32 -1.90 -0.36
N ARG A 52 8.40 -2.75 -0.78
CA ARG A 52 8.77 -4.02 -1.39
C ARG A 52 7.86 -4.17 -2.58
N PRO A 53 8.23 -3.54 -3.71
CA PRO A 53 7.37 -3.53 -4.90
C PRO A 53 7.18 -4.90 -5.59
N THR A 54 8.10 -5.84 -5.37
CA THR A 54 8.23 -7.03 -6.21
C THR A 54 7.85 -8.32 -5.49
N ARG A 55 7.10 -9.14 -6.20
CA ARG A 55 6.82 -10.51 -5.82
C ARG A 55 7.12 -11.36 -7.06
N PHE A 56 7.76 -12.50 -6.86
CA PHE A 56 7.91 -13.46 -7.93
C PHE A 56 7.04 -14.65 -7.62
N VAL A 57 6.24 -15.07 -8.60
CA VAL A 57 5.24 -16.13 -8.42
C VAL A 57 5.57 -17.31 -9.32
N TRP A 58 6.06 -18.37 -8.69
CA TRP A 58 6.53 -19.52 -9.40
C TRP A 58 5.40 -20.52 -9.62
N LEU A 59 5.12 -20.78 -10.91
CA LEU A 59 4.11 -21.73 -11.35
C LEU A 59 4.58 -23.18 -11.39
N GLN A 60 4.61 -23.83 -10.22
CA GLN A 60 5.16 -25.20 -10.11
C GLN A 60 4.11 -26.22 -10.55
N THR A 61 2.89 -26.02 -10.09
CA THR A 61 1.75 -26.89 -10.43
C THR A 61 1.40 -26.90 -11.93
N PRO A 62 1.77 -27.98 -12.63
CA PRO A 62 1.61 -27.92 -14.09
C PRO A 62 0.16 -27.68 -14.59
N ALA A 63 -0.84 -28.14 -13.85
CA ALA A 63 -2.23 -28.02 -14.28
C ALA A 63 -2.66 -26.55 -14.33
N ILE A 64 -2.15 -25.79 -13.37
CA ILE A 64 -2.40 -24.37 -13.22
C ILE A 64 -1.73 -23.53 -14.31
N ARG A 65 -0.47 -23.83 -14.59
CA ARG A 65 0.19 -23.27 -15.73
C ARG A 65 -0.60 -23.56 -17.02
N ALA A 66 -0.79 -24.82 -17.33
CA ALA A 66 -1.55 -25.12 -18.52
C ALA A 66 -2.90 -24.36 -18.52
N ARG A 67 -3.56 -24.24 -17.37
CA ARG A 67 -4.89 -23.67 -17.37
C ARG A 67 -4.85 -22.13 -17.57
N LEU A 68 -3.84 -21.47 -17.02
CA LEU A 68 -3.70 -20.03 -17.17
C LEU A 68 -3.29 -19.67 -18.62
N LEU A 69 -2.34 -20.39 -19.19
CA LEU A 69 -1.98 -20.14 -20.61
C LEU A 69 -3.16 -20.40 -21.51
N ASP A 70 -3.91 -21.45 -21.22
CA ASP A 70 -5.06 -21.77 -22.09
C ASP A 70 -6.03 -20.64 -22.14
N ARG A 71 -6.28 -19.99 -21.01
CA ARG A 71 -7.23 -18.85 -20.99
C ARG A 71 -6.64 -17.60 -21.65
N MET A 72 -5.33 -17.43 -21.52
CA MET A 72 -4.64 -16.42 -22.26
C MET A 72 -4.77 -16.65 -23.76
N LYS A 73 -4.47 -17.87 -24.22
CA LYS A 73 -4.71 -18.22 -25.65
C LYS A 73 -6.13 -17.85 -26.12
N ASP A 74 -7.16 -18.17 -25.34
CA ASP A 74 -8.53 -17.85 -25.74
C ASP A 74 -8.73 -16.33 -25.81
N LYS A 75 -8.19 -15.58 -24.85
CA LYS A 75 -8.41 -14.15 -24.82
C LYS A 75 -7.74 -13.51 -26.05
N TRP A 76 -6.52 -13.96 -26.36
CA TRP A 76 -5.82 -13.55 -27.59
C TRP A 76 -6.61 -13.78 -28.84
N ARG A 77 -7.03 -15.03 -29.07
CA ARG A 77 -7.82 -15.35 -30.28
C ARG A 77 -9.03 -14.48 -30.43
N SER A 78 -9.72 -14.25 -29.32
CA SER A 78 -10.97 -13.52 -29.31
C SER A 78 -10.71 -12.01 -29.56
N ASP A 79 -9.64 -11.50 -28.97
CA ASP A 79 -9.24 -10.13 -29.22
C ASP A 79 -8.73 -9.89 -30.62
N LEU A 80 -7.72 -10.62 -31.04
CA LEU A 80 -7.16 -10.40 -32.38
C LEU A 80 -8.19 -10.53 -33.50
N THR A 81 -9.22 -11.35 -33.28
CA THR A 81 -10.38 -11.44 -34.17
C THR A 81 -11.25 -10.17 -34.16
N SER A 82 -11.39 -9.55 -32.99
CA SER A 82 -12.01 -8.24 -32.88
C SER A 82 -11.29 -7.23 -33.75
N ASP A 83 -9.94 -7.23 -33.69
CA ASP A 83 -9.11 -6.31 -34.49
C ASP A 83 -9.22 -6.58 -36.00
N GLY A 84 -9.65 -7.78 -36.39
CA GLY A 84 -9.83 -8.08 -37.79
C GLY A 84 -8.61 -8.71 -38.44
N LEU A 85 -7.67 -9.18 -37.65
CA LEU A 85 -6.60 -10.03 -38.20
C LEU A 85 -7.15 -11.32 -38.83
N PRO A 86 -6.46 -11.83 -39.87
CA PRO A 86 -6.80 -13.14 -40.44
C PRO A 86 -6.36 -14.32 -39.56
N ALA A 87 -7.17 -15.38 -39.55
CA ALA A 87 -6.82 -16.63 -38.87
C ALA A 87 -5.32 -16.99 -39.03
N ASP A 88 -4.84 -16.92 -40.27
CA ASP A 88 -3.40 -16.99 -40.60
C ASP A 88 -2.51 -16.32 -39.58
N ALA A 89 -2.65 -15.00 -39.51
CA ALA A 89 -1.74 -14.17 -38.75
C ALA A 89 -1.95 -14.40 -37.25
N ILE A 90 -3.20 -14.61 -36.85
CA ILE A 90 -3.53 -14.94 -35.46
C ILE A 90 -2.76 -16.20 -35.01
N GLU A 91 -2.88 -17.29 -35.76
CA GLU A 91 -2.22 -18.54 -35.38
C GLU A 91 -0.71 -18.35 -35.31
N ARG A 92 -0.18 -17.49 -36.16
CA ARG A 92 1.27 -17.24 -36.16
C ARG A 92 1.70 -16.54 -34.87
N ARG A 93 0.88 -15.60 -34.38
CA ARG A 93 1.18 -14.78 -33.20
C ARG A 93 1.01 -15.61 -31.92
N VAL A 94 -0.11 -16.30 -31.78
CA VAL A 94 -0.35 -17.15 -30.61
C VAL A 94 0.65 -18.30 -30.49
N ALA A 95 1.10 -18.89 -31.60
CA ALA A 95 2.17 -19.91 -31.54
C ALA A 95 3.48 -19.37 -30.88
N ARG A 96 3.71 -18.04 -30.95
CA ARG A 96 4.85 -17.41 -30.26
C ARG A 96 4.71 -17.51 -28.70
N GLY A 97 3.53 -17.86 -28.19
CA GLY A 97 3.34 -18.14 -26.76
C GLY A 97 3.51 -19.61 -26.35
N GLN A 98 3.87 -20.48 -27.30
CA GLN A 98 4.16 -21.88 -27.04
C GLN A 98 5.29 -22.05 -26.04
N ILE A 99 6.22 -21.09 -26.03
CA ILE A 99 7.40 -21.17 -25.15
C ILE A 99 7.05 -21.28 -23.66
N LEU A 100 5.98 -20.60 -23.25
CA LEU A 100 5.56 -20.67 -21.84
C LEU A 100 4.95 -22.06 -21.48
N TYR A 101 4.42 -22.76 -22.47
CA TYR A 101 3.91 -24.10 -22.26
C TYR A 101 5.09 -25.09 -22.03
N ASP A 102 6.08 -24.98 -22.93
CA ASP A 102 7.23 -25.85 -23.05
C ASP A 102 8.35 -25.59 -22.07
N ALA A 103 8.44 -24.39 -21.50
CA ALA A 103 9.58 -24.03 -20.66
C ALA A 103 9.62 -24.84 -19.37
N PRO A 104 10.82 -25.29 -18.96
CA PRO A 104 10.92 -26.11 -17.75
C PRO A 104 10.35 -25.46 -16.52
N GLU A 105 10.50 -24.14 -16.39
CA GLU A 105 9.90 -23.42 -15.27
C GLU A 105 9.38 -22.06 -15.75
N VAL A 106 8.37 -21.53 -15.07
CA VAL A 106 7.80 -20.23 -15.41
C VAL A 106 7.56 -19.50 -14.13
N VAL A 107 8.22 -18.34 -14.02
CA VAL A 107 8.07 -17.40 -12.90
C VAL A 107 7.38 -16.11 -13.41
N ILE A 108 6.37 -15.64 -12.67
CA ILE A 108 5.65 -14.40 -13.00
C ILE A 108 6.04 -13.28 -12.00
N PRO A 109 6.69 -12.23 -12.49
CA PRO A 109 6.94 -11.11 -11.60
C PRO A 109 5.67 -10.28 -11.51
N MET A 110 5.47 -9.70 -10.34
CA MET A 110 4.26 -9.02 -10.01
C MET A 110 4.65 -7.82 -9.18
N LEU A 111 3.96 -6.71 -9.43
CA LEU A 111 4.09 -5.47 -8.69
C LEU A 111 3.05 -5.52 -7.60
N VAL A 112 3.42 -5.07 -6.42
CA VAL A 112 2.55 -5.05 -5.28
C VAL A 112 2.85 -3.71 -4.63
N PRO A 113 1.82 -2.94 -4.22
CA PRO A 113 2.08 -1.59 -3.71
C PRO A 113 2.49 -1.56 -2.24
N ASP A 114 3.35 -2.49 -1.82
CA ASP A 114 3.79 -2.64 -0.44
C ASP A 114 4.72 -1.50 -0.03
N GLY A 115 4.23 -0.68 0.89
CA GLY A 115 4.88 0.55 1.35
C GLY A 115 4.64 1.76 0.44
N ALA A 116 3.75 1.66 -0.53
CA ALA A 116 3.41 2.85 -1.35
C ALA A 116 2.94 3.99 -0.51
N HIS A 117 3.48 5.18 -0.78
CA HIS A 117 3.09 6.40 -0.04
C HIS A 117 1.72 6.83 -0.60
N SER A 118 0.83 7.37 0.22
CA SER A 118 -0.51 7.73 -0.26
C SER A 118 -0.68 9.24 -0.68
N TYR A 119 -1.30 9.49 -1.83
CA TYR A 119 -1.52 10.86 -2.35
C TYR A 119 -2.97 11.13 -2.69
N PRO A 120 -3.43 12.37 -2.53
CA PRO A 120 -4.87 12.62 -2.85
C PRO A 120 -5.15 12.86 -4.34
N ASP A 121 -4.13 13.11 -5.12
CA ASP A 121 -4.30 13.49 -6.51
C ASP A 121 -3.82 12.37 -7.40
N ALA A 122 -4.39 12.30 -8.58
CA ALA A 122 -4.08 11.27 -9.53
C ALA A 122 -2.68 11.38 -10.06
N ALA A 123 -2.20 12.61 -10.19
CA ALA A 123 -0.89 12.80 -10.78
C ALA A 123 0.22 12.13 -9.96
N ARG A 124 0.26 12.40 -8.65
CA ARG A 124 1.28 11.82 -7.82
C ARG A 124 1.00 10.32 -7.54
N THR A 125 -0.27 9.94 -7.47
CA THR A 125 -0.65 8.51 -7.46
C THR A 125 -0.08 7.75 -8.61
N ASP A 126 -0.24 8.28 -9.83
CA ASP A 126 0.34 7.58 -11.01
C ASP A 126 1.85 7.54 -10.95
N ALA A 127 2.45 8.66 -10.55
CA ALA A 127 3.90 8.70 -10.41
C ALA A 127 4.39 7.60 -9.48
N GLU A 128 3.74 7.45 -8.34
CA GLU A 128 4.12 6.42 -7.40
C GLU A 128 4.00 5.06 -8.04
N HIS A 129 2.88 4.81 -8.72
CA HIS A 129 2.72 3.55 -9.47
C HIS A 129 3.83 3.31 -10.55
N THR A 130 4.14 4.35 -11.30
CA THR A 130 5.30 4.29 -12.21
C THR A 130 6.60 4.01 -11.48
N MET A 131 6.80 4.61 -10.31
CA MET A 131 8.01 4.35 -9.56
C MET A 131 8.17 2.86 -9.16
N PHE A 132 7.09 2.25 -8.67
CA PHE A 132 7.04 0.86 -8.27
C PHE A 132 7.21 -0.04 -9.52
N THR A 133 6.73 0.44 -10.65
CA THR A 133 6.78 -0.37 -11.91
C THR A 133 8.24 -0.53 -12.44
N VAL A 134 9.01 0.54 -12.37
CA VAL A 134 10.39 0.46 -12.79
C VAL A 134 11.22 -0.35 -11.81
N ALA A 135 10.88 -0.30 -10.53
CA ALA A 135 11.61 -1.08 -9.53
C ALA A 135 11.42 -2.56 -9.86
N VAL A 136 10.21 -2.98 -10.21
CA VAL A 136 9.99 -4.41 -10.55
C VAL A 136 10.81 -4.79 -11.80
N GLY A 137 10.82 -3.89 -12.77
CA GLY A 137 11.65 -4.13 -13.96
C GLY A 137 13.12 -4.36 -13.61
N ALA A 138 13.65 -3.55 -12.70
CA ALA A 138 15.03 -3.69 -12.31
C ALA A 138 15.28 -5.08 -11.67
N ALA A 139 14.31 -5.55 -10.92
CA ALA A 139 14.38 -6.84 -10.25
C ALA A 139 14.30 -7.97 -11.25
N VAL A 140 13.52 -7.78 -12.31
CA VAL A 140 13.45 -8.76 -13.39
C VAL A 140 14.81 -8.90 -14.09
N GLN A 141 15.41 -7.78 -14.50
CA GLN A 141 16.73 -7.84 -15.05
C GLN A 141 17.68 -8.60 -14.08
N ALA A 142 17.60 -8.26 -12.80
CA ALA A 142 18.49 -8.84 -11.85
C ALA A 142 18.30 -10.37 -11.81
N LEU A 143 17.04 -10.84 -11.89
CA LEU A 143 16.74 -12.27 -12.06
C LEU A 143 17.32 -12.96 -13.31
N LEU A 144 17.17 -12.35 -14.48
CA LEU A 144 17.63 -12.97 -15.73
C LEU A 144 19.17 -13.12 -15.70
N VAL A 145 19.84 -12.10 -15.15
CA VAL A 145 21.26 -12.17 -14.96
C VAL A 145 21.60 -13.28 -13.91
N ALA A 146 20.87 -13.26 -12.79
CA ALA A 146 21.19 -14.21 -11.68
C ALA A 146 21.11 -15.64 -12.13
N LEU A 147 20.07 -15.93 -12.90
CA LEU A 147 19.89 -17.19 -13.61
C LEU A 147 21.04 -17.52 -14.52
N ALA A 148 21.36 -16.58 -15.42
CA ALA A 148 22.41 -16.77 -16.41
C ALA A 148 23.79 -17.11 -15.81
N VAL A 149 24.05 -16.53 -14.65
CA VAL A 149 25.36 -16.60 -14.01
C VAL A 149 25.44 -17.90 -13.24
N ARG A 150 24.30 -18.54 -13.10
CA ARG A 150 24.21 -19.92 -12.71
C ARG A 150 23.95 -20.78 -13.94
N GLY A 151 24.36 -20.34 -15.13
CA GLY A 151 24.29 -21.16 -16.37
C GLY A 151 22.90 -21.54 -16.87
N LEU A 152 21.91 -20.71 -16.57
CA LEU A 152 20.49 -20.95 -16.89
C LEU A 152 19.94 -19.85 -17.78
N GLY A 153 19.39 -20.23 -18.94
CA GLY A 153 18.73 -19.29 -19.84
C GLY A 153 17.34 -18.89 -19.35
N SER A 154 16.84 -17.79 -19.90
CA SER A 154 15.51 -17.27 -19.56
C SER A 154 15.02 -16.44 -20.71
N CYS A 155 13.72 -16.11 -20.68
CA CYS A 155 13.14 -15.15 -21.64
C CYS A 155 11.95 -14.50 -20.97
N TRP A 156 11.94 -13.20 -21.04
CA TRP A 156 10.85 -12.38 -20.60
C TRP A 156 9.77 -12.30 -21.68
N ILE A 157 8.57 -12.74 -21.35
CA ILE A 157 7.42 -12.68 -22.24
C ILE A 157 6.36 -11.73 -21.62
N GLY A 158 5.91 -10.75 -22.39
CA GLY A 158 5.12 -9.65 -21.88
C GLY A 158 3.66 -9.98 -21.70
N SER A 159 3.21 -11.13 -22.17
CA SER A 159 1.79 -11.41 -22.34
C SER A 159 0.89 -11.23 -21.11
N THR A 160 1.34 -11.60 -19.91
CA THR A 160 0.44 -11.51 -18.76
C THR A 160 0.07 -10.06 -18.45
N ILE A 161 0.86 -9.10 -18.94
CA ILE A 161 0.56 -7.67 -18.75
C ILE A 161 -0.73 -7.30 -19.46
N PHE A 162 -1.00 -8.02 -20.56
CA PHE A 162 -2.19 -7.83 -21.38
C PHE A 162 -3.36 -8.69 -20.91
N ALA A 163 -3.18 -9.53 -19.87
CA ALA A 163 -4.32 -10.32 -19.33
C ALA A 163 -4.32 -10.33 -17.82
N ALA A 164 -4.18 -9.17 -17.21
CA ALA A 164 -3.99 -9.06 -15.76
C ALA A 164 -5.16 -9.61 -14.96
N ASP A 165 -6.39 -9.23 -15.30
CA ASP A 165 -7.60 -9.81 -14.68
C ASP A 165 -7.65 -11.34 -14.74
N LEU A 166 -7.20 -11.90 -15.85
CA LEU A 166 -7.21 -13.36 -16.06
C LEU A 166 -6.22 -14.04 -15.10
N VAL A 167 -5.08 -13.38 -14.96
CA VAL A 167 -4.02 -13.90 -14.13
C VAL A 167 -4.42 -13.82 -12.66
N ARG A 168 -4.96 -12.68 -12.23
CA ARG A 168 -5.46 -12.55 -10.87
C ARG A 168 -6.56 -13.55 -10.63
N ASP A 169 -7.54 -13.61 -11.53
CA ASP A 169 -8.59 -14.62 -11.37
C ASP A 169 -8.04 -16.02 -11.20
N GLU A 170 -7.20 -16.41 -12.14
CA GLU A 170 -6.74 -17.78 -12.20
C GLU A 170 -5.78 -18.15 -11.07
N LEU A 171 -5.02 -17.20 -10.57
CA LEU A 171 -4.06 -17.54 -9.50
C LEU A 171 -4.59 -17.15 -8.13
N ASP A 172 -5.83 -16.69 -8.05
CA ASP A 172 -6.45 -16.23 -6.80
C ASP A 172 -5.64 -15.21 -6.06
N LEU A 173 -5.19 -14.21 -6.77
CA LEU A 173 -4.42 -13.16 -6.15
C LEU A 173 -5.35 -11.99 -5.98
N PRO A 174 -4.99 -11.05 -5.11
CA PRO A 174 -5.80 -9.88 -4.88
C PRO A 174 -5.69 -8.87 -6.00
N VAL A 175 -6.65 -7.97 -6.00
CA VAL A 175 -6.81 -6.96 -7.03
C VAL A 175 -5.56 -6.09 -7.31
N ASP A 176 -4.77 -5.76 -6.31
CA ASP A 176 -3.61 -4.86 -6.53
C ASP A 176 -2.26 -5.55 -6.78
N TRP A 177 -2.28 -6.86 -7.07
CA TRP A 177 -1.15 -7.58 -7.62
C TRP A 177 -1.19 -7.48 -9.13
N GLU A 178 -0.19 -6.86 -9.71
CA GLU A 178 -0.19 -6.61 -11.15
C GLU A 178 0.93 -7.43 -11.82
N PRO A 179 0.55 -8.36 -12.72
CA PRO A 179 1.53 -9.16 -13.43
C PRO A 179 2.36 -8.37 -14.44
N LEU A 180 3.66 -8.60 -14.44
CA LEU A 180 4.57 -7.84 -15.29
C LEU A 180 5.32 -8.78 -16.23
N GLY A 181 4.55 -9.74 -16.76
CA GLY A 181 5.01 -10.70 -17.76
C GLY A 181 5.13 -12.12 -17.23
N ALA A 182 6.04 -12.85 -17.84
CA ALA A 182 6.36 -14.18 -17.37
C ALA A 182 7.74 -14.52 -17.85
N ILE A 183 8.48 -15.18 -16.98
CA ILE A 183 9.87 -15.52 -17.27
C ILE A 183 10.00 -17.02 -17.46
N ALA A 184 10.17 -17.42 -18.71
CA ALA A 184 10.42 -18.83 -19.01
C ALA A 184 11.89 -19.13 -18.69
N ILE A 185 12.13 -20.28 -18.07
CA ILE A 185 13.47 -20.67 -17.55
C ILE A 185 13.82 -22.14 -17.87
N GLY A 186 15.09 -22.37 -18.21
CA GLY A 186 15.56 -23.69 -18.64
C GLY A 186 16.99 -23.57 -19.10
N TYR A 187 17.66 -24.70 -19.37
CA TYR A 187 18.97 -24.69 -20.01
C TYR A 187 18.82 -24.47 -21.50
N ALA A 188 19.54 -23.47 -22.01
CA ALA A 188 19.58 -23.20 -23.44
C ALA A 188 19.86 -24.46 -24.26
N ASP A 189 19.01 -24.73 -25.23
CA ASP A 189 19.25 -25.85 -26.14
C ASP A 189 20.52 -25.74 -27.00
N GLU A 190 20.82 -24.52 -27.43
CA GLU A 190 22.09 -24.21 -28.09
C GLU A 190 22.82 -23.18 -27.20
N PRO A 191 24.13 -23.41 -26.92
CA PRO A 191 24.86 -22.38 -26.18
C PRO A 191 25.03 -21.15 -27.07
N SER A 192 25.21 -19.99 -26.47
CA SER A 192 25.39 -18.75 -27.20
C SER A 192 26.74 -18.21 -26.81
N GLY A 193 27.37 -17.45 -27.71
CA GLY A 193 28.53 -16.63 -27.33
C GLY A 193 28.14 -15.58 -26.29
N LEU A 194 29.14 -14.97 -25.64
CA LEU A 194 28.88 -13.79 -24.82
C LEU A 194 28.36 -12.69 -25.70
N ARG A 195 27.56 -11.81 -25.13
CA ARG A 195 27.30 -10.56 -25.83
C ARG A 195 28.56 -9.71 -25.84
N ASP A 196 28.63 -8.84 -26.81
CA ASP A 196 29.68 -7.86 -26.92
C ASP A 196 28.93 -6.58 -27.26
N PRO A 197 28.55 -5.77 -26.26
CA PRO A 197 27.59 -4.67 -26.58
C PRO A 197 28.12 -3.64 -27.54
N VAL A 198 27.25 -3.17 -28.43
CA VAL A 198 27.53 -2.01 -29.27
C VAL A 198 27.53 -0.74 -28.39
N PRO A 199 28.32 0.28 -28.78
CA PRO A 199 28.24 1.55 -28.06
C PRO A 199 26.82 2.12 -28.14
N ALA A 200 26.51 3.05 -27.25
CA ALA A 200 25.13 3.53 -27.12
C ALA A 200 24.69 4.39 -28.30
N ALA A 201 25.62 5.16 -28.84
CA ALA A 201 25.40 6.04 -29.97
C ALA A 201 24.25 7.03 -29.71
N ASP A 202 23.13 6.90 -30.43
CA ASP A 202 22.01 7.89 -30.36
C ASP A 202 21.05 7.64 -29.21
N LEU A 203 21.26 6.53 -28.49
CA LEU A 203 20.47 6.24 -27.31
C LEU A 203 21.07 6.91 -26.08
N LEU A 204 22.22 7.53 -26.21
CA LEU A 204 22.79 8.27 -25.12
C LEU A 204 22.82 9.70 -25.52
N ILE A 205 22.01 10.53 -24.85
CA ILE A 205 21.82 11.93 -25.22
C ILE A 205 22.57 12.84 -24.22
N LEU A 206 23.35 13.79 -24.71
CA LEU A 206 24.17 14.66 -23.89
C LEU A 206 23.56 16.00 -23.76
N LYS A 207 23.40 16.47 -22.54
CA LYS A 207 22.94 17.82 -22.30
C LYS A 207 23.94 18.53 -21.43
N ALA B 7 38.47 -17.73 -11.50
CA ALA B 7 38.40 -16.27 -11.46
C ALA B 7 37.26 -15.87 -12.40
N LEU B 8 37.20 -16.54 -13.56
CA LEU B 8 36.12 -16.31 -14.56
C LEU B 8 34.78 -16.78 -14.02
N GLU B 9 34.75 -17.94 -13.37
CA GLU B 9 33.54 -18.42 -12.64
C GLU B 9 33.04 -17.38 -11.64
N LEU B 10 33.85 -17.15 -10.60
CA LEU B 10 33.66 -16.11 -9.54
C LEU B 10 33.19 -14.69 -10.04
N GLY B 11 34.02 -14.08 -10.90
CA GLY B 11 33.73 -12.81 -11.60
C GLY B 11 32.31 -12.69 -12.17
N ARG B 12 31.89 -13.74 -12.88
CA ARG B 12 30.48 -14.07 -13.19
C ARG B 12 29.53 -13.96 -11.97
N GLN B 13 29.86 -14.64 -10.88
CA GLN B 13 29.00 -14.73 -9.64
C GLN B 13 28.91 -13.40 -8.84
N GLN B 14 30.01 -12.60 -8.88
CA GLN B 14 30.16 -11.41 -8.01
C GLN B 14 29.33 -10.14 -8.43
N ALA B 15 29.27 -9.90 -9.74
CA ALA B 15 28.78 -8.67 -10.32
C ALA B 15 27.65 -8.00 -9.55
N GLN B 16 26.46 -8.59 -9.52
CA GLN B 16 25.28 -7.84 -9.02
C GLN B 16 25.32 -7.58 -7.51
N LEU B 17 26.29 -8.21 -6.81
CA LEU B 17 26.41 -8.08 -5.37
C LEU B 17 27.37 -6.93 -5.02
N LEU B 18 28.01 -6.36 -6.02
CA LEU B 18 28.76 -5.15 -5.77
C LEU B 18 27.85 -3.94 -5.79
N ARG B 19 26.57 -4.10 -6.16
CA ARG B 19 25.70 -2.93 -6.41
C ARG B 19 25.00 -2.49 -5.15
N ARG B 20 25.36 -1.32 -4.62
CA ARG B 20 24.66 -0.72 -3.48
C ARG B 20 24.08 0.66 -3.95
N SER B 21 23.08 1.20 -3.24
CA SER B 21 22.67 2.59 -3.45
C SER B 21 23.64 3.50 -2.68
N VAL B 22 24.60 4.09 -3.41
CA VAL B 22 25.61 4.93 -2.77
C VAL B 22 25.10 6.38 -2.65
N ARG B 23 25.20 6.95 -1.46
CA ARG B 23 24.74 8.32 -1.22
C ARG B 23 25.83 9.37 -0.90
N ARG B 24 27.07 8.94 -0.61
CA ARG B 24 28.20 9.84 -0.29
C ARG B 24 29.31 9.51 -1.28
N PHE B 25 29.73 10.49 -2.09
CA PHE B 25 30.70 10.25 -3.17
C PHE B 25 31.99 10.97 -2.87
N SER B 26 33.14 10.32 -3.14
CA SER B 26 34.42 11.03 -3.09
C SER B 26 34.44 12.06 -4.22
N THR B 27 35.45 12.93 -4.23
CA THR B 27 35.51 13.96 -5.27
C THR B 27 36.40 13.56 -6.44
N ASP B 28 36.66 12.26 -6.60
CA ASP B 28 37.43 11.77 -7.75
C ASP B 28 36.61 11.83 -9.03
N PRO B 29 37.13 12.52 -10.06
CA PRO B 29 36.37 12.64 -11.28
C PRO B 29 36.09 11.27 -11.91
N VAL B 30 34.96 11.15 -12.60
CA VAL B 30 34.55 9.92 -13.27
C VAL B 30 35.09 9.90 -14.69
N PRO B 31 35.91 8.90 -15.05
CA PRO B 31 36.17 8.77 -16.50
C PRO B 31 34.86 8.77 -17.39
N GLY B 32 34.81 9.69 -18.36
CA GLY B 32 33.77 9.69 -19.37
C GLY B 32 33.58 8.29 -19.93
N ASP B 33 34.67 7.64 -20.30
CA ASP B 33 34.59 6.31 -20.92
C ASP B 33 33.89 5.19 -20.13
N LEU B 34 33.99 5.24 -18.80
CA LEU B 34 33.26 4.24 -17.97
C LEU B 34 31.74 4.51 -18.03
N VAL B 35 31.36 5.77 -17.99
CA VAL B 35 29.94 6.07 -18.15
C VAL B 35 29.43 5.49 -19.45
N GLU B 36 30.14 5.78 -20.53
CA GLU B 36 29.72 5.42 -21.89
C GLU B 36 29.70 3.91 -22.03
N ALA B 37 30.69 3.23 -21.44
CA ALA B 37 30.79 1.78 -21.58
C ALA B 37 29.68 1.14 -20.75
N ALA B 38 29.51 1.61 -19.51
CA ALA B 38 28.44 1.14 -18.63
C ALA B 38 27.05 1.31 -19.25
N VAL B 39 26.80 2.45 -19.88
CA VAL B 39 25.56 2.66 -20.60
C VAL B 39 25.44 1.68 -21.77
N ALA B 40 26.50 1.42 -22.48
CA ALA B 40 26.43 0.43 -23.56
C ALA B 40 26.05 -0.97 -23.00
N GLU B 41 26.59 -1.32 -21.82
CA GLU B 41 26.32 -2.63 -21.21
C GLU B 41 24.84 -2.69 -20.78
N ALA B 42 24.36 -1.55 -20.28
CA ALA B 42 23.01 -1.40 -19.75
C ALA B 42 22.01 -1.72 -20.80
N LEU B 43 22.35 -1.34 -22.03
CA LEU B 43 21.44 -1.55 -23.14
C LEU B 43 21.43 -3.00 -23.69
N THR B 44 22.06 -3.93 -22.99
CA THR B 44 21.90 -5.37 -23.27
C THR B 44 20.69 -5.91 -22.55
N ALA B 45 20.11 -5.09 -21.66
CA ALA B 45 18.88 -5.48 -21.00
C ALA B 45 17.86 -5.84 -22.06
N PRO B 46 16.86 -6.67 -21.74
CA PRO B 46 15.89 -7.04 -22.78
C PRO B 46 14.93 -5.86 -23.12
N ALA B 47 14.38 -5.87 -24.32
CA ALA B 47 13.37 -4.89 -24.75
C ALA B 47 12.46 -5.58 -25.72
N PRO B 48 11.16 -5.26 -25.70
CA PRO B 48 10.31 -5.93 -26.71
C PRO B 48 10.88 -5.81 -28.15
N HIS B 49 10.60 -6.81 -29.01
CA HIS B 49 11.26 -6.89 -30.30
C HIS B 49 10.88 -5.66 -31.11
N HIS B 50 11.86 -5.13 -31.82
CA HIS B 50 11.74 -3.96 -32.68
C HIS B 50 11.30 -2.72 -31.90
N THR B 51 11.74 -2.61 -30.65
CA THR B 51 11.52 -1.44 -29.83
C THR B 51 12.86 -0.94 -29.31
N ARG B 52 12.92 0.32 -28.89
CA ARG B 52 14.06 0.90 -28.18
C ARG B 52 13.48 1.84 -27.10
N PRO B 53 13.10 1.27 -25.94
CA PRO B 53 12.30 1.98 -24.97
C PRO B 53 13.08 3.01 -24.19
N THR B 54 14.39 2.80 -24.11
CA THR B 54 15.22 3.53 -23.17
C THR B 54 16.09 4.50 -23.88
N ARG B 55 16.18 5.70 -23.34
CA ARG B 55 17.18 6.68 -23.69
C ARG B 55 17.79 7.03 -22.33
N PHE B 56 19.08 7.36 -22.33
CA PHE B 56 19.79 7.86 -21.13
C PHE B 56 20.21 9.26 -21.43
N VAL B 57 19.89 10.19 -20.54
CA VAL B 57 20.13 11.60 -20.80
C VAL B 57 21.09 12.16 -19.76
N TRP B 58 22.33 12.29 -20.21
CA TRP B 58 23.42 12.57 -19.32
C TRP B 58 23.50 14.10 -19.19
N LEU B 59 23.39 14.61 -17.96
CA LEU B 59 23.31 16.04 -17.66
C LEU B 59 24.67 16.69 -17.41
N GLN B 60 25.48 16.74 -18.46
CA GLN B 60 26.84 17.31 -18.45
C GLN B 60 26.99 18.80 -18.17
N THR B 61 26.06 19.62 -18.63
CA THR B 61 26.15 21.05 -18.43
C THR B 61 25.68 21.46 -17.03
N PRO B 62 26.58 22.05 -16.23
CA PRO B 62 26.14 22.11 -14.82
C PRO B 62 25.06 23.14 -14.58
N ALA B 63 25.00 24.18 -15.43
CA ALA B 63 23.96 25.20 -15.28
C ALA B 63 22.57 24.60 -15.62
N ILE B 64 22.56 23.64 -16.54
CA ILE B 64 21.33 22.93 -16.91
C ILE B 64 20.86 21.97 -15.81
N ARG B 65 21.77 21.13 -15.32
CA ARG B 65 21.50 20.28 -14.15
C ARG B 65 20.93 21.10 -13.03
N ALA B 66 21.64 22.18 -12.72
CA ALA B 66 21.29 23.02 -11.60
C ALA B 66 19.93 23.67 -11.75
N ARG B 67 19.65 24.24 -12.92
CA ARG B 67 18.36 24.88 -13.06
C ARG B 67 17.23 23.86 -13.08
N LEU B 68 17.43 22.67 -13.64
CA LEU B 68 16.37 21.62 -13.51
C LEU B 68 16.11 21.30 -12.03
N LEU B 69 17.16 21.20 -11.23
CA LEU B 69 16.99 20.83 -9.83
C LEU B 69 16.33 21.89 -9.00
N ASP B 70 16.62 23.16 -9.30
CA ASP B 70 15.97 24.28 -8.58
C ASP B 70 14.52 24.41 -8.89
N ARG B 71 14.16 24.13 -10.13
CA ARG B 71 12.75 24.17 -10.51
C ARG B 71 12.00 22.99 -9.88
N MET B 72 12.66 21.86 -9.74
CA MET B 72 12.07 20.72 -9.03
C MET B 72 11.85 21.07 -7.55
N LYS B 73 12.90 21.62 -6.94
CA LYS B 73 12.85 22.03 -5.55
C LYS B 73 11.69 22.96 -5.28
N ASP B 74 11.54 23.93 -6.14
CA ASP B 74 10.44 24.86 -6.05
C ASP B 74 9.07 24.21 -6.11
N LYS B 75 8.86 23.35 -7.10
CA LYS B 75 7.60 22.62 -7.16
C LYS B 75 7.37 21.76 -5.92
N TRP B 76 8.42 21.11 -5.43
CA TRP B 76 8.29 20.34 -4.21
C TRP B 76 7.76 21.17 -3.03
N ARG B 77 8.35 22.34 -2.77
CA ARG B 77 7.94 23.14 -1.66
C ARG B 77 6.50 23.59 -1.78
N SER B 78 6.07 23.99 -2.98
CA SER B 78 4.73 24.46 -3.12
C SER B 78 3.75 23.27 -3.05
N ASP B 79 4.12 22.10 -3.58
CA ASP B 79 3.22 20.93 -3.45
C ASP B 79 3.15 20.42 -1.99
N LEU B 80 4.29 20.29 -1.33
CA LEU B 80 4.24 19.90 0.07
C LEU B 80 3.53 20.92 0.97
N THR B 81 3.65 22.20 0.61
CA THR B 81 2.92 23.28 1.30
C THR B 81 1.38 23.15 1.11
N SER B 82 0.89 22.96 -0.11
CA SER B 82 -0.53 22.57 -0.36
C SER B 82 -1.02 21.45 0.48
N ASP B 83 -0.17 20.45 0.67
CA ASP B 83 -0.49 19.27 1.53
C ASP B 83 -0.62 19.62 2.98
N GLY B 84 -0.02 20.74 3.42
CA GLY B 84 -0.20 21.23 4.81
C GLY B 84 0.84 20.70 5.74
N LEU B 85 1.96 20.26 5.16
CA LEU B 85 3.15 19.90 5.93
C LEU B 85 3.81 21.14 6.54
N PRO B 86 4.36 20.99 7.74
CA PRO B 86 5.08 22.13 8.38
C PRO B 86 6.42 22.44 7.70
N ALA B 87 6.87 23.69 7.78
CA ALA B 87 8.10 24.15 7.12
C ALA B 87 9.28 23.20 7.28
N ASP B 88 9.55 22.79 8.52
CA ASP B 88 10.70 21.92 8.81
C ASP B 88 10.64 20.59 8.09
N ALA B 89 9.45 20.00 8.03
CA ALA B 89 9.25 18.71 7.40
C ALA B 89 9.48 18.80 5.89
N ILE B 90 9.04 19.91 5.28
CA ILE B 90 9.23 20.15 3.86
C ILE B 90 10.72 20.21 3.56
N GLU B 91 11.47 20.96 4.36
CA GLU B 91 12.90 21.08 4.15
C GLU B 91 13.68 19.78 4.38
N ARG B 92 13.20 18.93 5.28
CA ARG B 92 13.76 17.58 5.46
C ARG B 92 13.64 16.84 4.15
N ARG B 93 12.44 16.85 3.57
CA ARG B 93 12.20 16.15 2.30
C ARG B 93 13.10 16.68 1.20
N VAL B 94 13.05 18.00 1.01
CA VAL B 94 13.84 18.71 0.02
C VAL B 94 15.35 18.41 0.18
N ALA B 95 15.80 18.28 1.43
CA ALA B 95 17.22 17.97 1.67
C ALA B 95 17.59 16.60 1.10
N ARG B 96 16.62 15.69 0.98
CA ARG B 96 16.86 14.40 0.34
C ARG B 96 17.38 14.58 -1.11
N GLY B 97 16.90 15.61 -1.82
CA GLY B 97 17.41 15.94 -3.16
C GLY B 97 18.84 16.47 -3.27
N GLN B 98 19.53 16.75 -2.16
CA GLN B 98 20.85 17.34 -2.25
C GLN B 98 21.87 16.44 -2.99
N ILE B 99 21.66 15.15 -2.96
CA ILE B 99 22.54 14.24 -3.65
C ILE B 99 22.65 14.57 -5.19
N LEU B 100 21.53 14.84 -5.85
CA LEU B 100 21.59 15.20 -7.26
C LEU B 100 22.41 16.47 -7.55
N TYR B 101 22.49 17.38 -6.57
CA TYR B 101 23.30 18.61 -6.77
C TYR B 101 24.82 18.33 -6.74
N ASP B 102 25.26 17.49 -5.80
CA ASP B 102 26.65 17.26 -5.48
C ASP B 102 27.24 16.10 -6.27
N ALA B 103 26.41 15.29 -6.92
CA ALA B 103 26.87 14.02 -7.48
C ALA B 103 27.84 14.27 -8.64
N PRO B 104 28.88 13.42 -8.80
CA PRO B 104 29.82 13.76 -9.86
C PRO B 104 29.18 13.72 -11.27
N GLU B 105 28.36 12.72 -11.53
CA GLU B 105 27.57 12.70 -12.75
C GLU B 105 26.10 12.39 -12.43
N VAL B 106 25.25 12.71 -13.39
CA VAL B 106 23.80 12.49 -13.28
C VAL B 106 23.27 12.12 -14.65
N VAL B 107 22.51 11.04 -14.71
CA VAL B 107 21.98 10.53 -15.97
C VAL B 107 20.50 10.23 -15.73
N ILE B 108 19.60 10.86 -16.50
CA ILE B 108 18.15 10.64 -16.37
C ILE B 108 17.76 9.49 -17.31
N PRO B 109 17.22 8.40 -16.79
CA PRO B 109 16.69 7.43 -17.74
C PRO B 109 15.31 7.87 -18.21
N MET B 110 15.01 7.66 -19.48
CA MET B 110 13.72 8.06 -20.04
C MET B 110 13.09 6.97 -20.87
N LEU B 111 11.76 6.92 -20.78
CA LEU B 111 10.98 6.08 -21.59
C LEU B 111 10.72 6.84 -22.91
N VAL B 112 10.89 6.20 -24.06
CA VAL B 112 10.39 6.78 -25.29
C VAL B 112 9.67 5.68 -26.05
N PRO B 113 8.53 5.98 -26.68
CA PRO B 113 7.75 4.87 -27.27
C PRO B 113 8.22 4.48 -28.66
N ASP B 114 9.52 4.30 -28.82
CA ASP B 114 10.13 3.96 -30.07
C ASP B 114 9.83 2.47 -30.37
N GLY B 115 9.03 2.22 -31.39
CA GLY B 115 8.68 0.89 -31.79
C GLY B 115 7.43 0.42 -31.07
N ALA B 116 6.83 1.26 -30.23
CA ALA B 116 5.60 0.86 -29.55
C ALA B 116 4.56 0.46 -30.58
N HIS B 117 3.78 -0.56 -30.26
CA HIS B 117 2.68 -1.01 -31.11
C HIS B 117 1.52 -0.05 -30.82
N SER B 118 0.70 0.31 -31.79
CA SER B 118 -0.45 1.21 -31.51
C SER B 118 -1.80 0.46 -31.46
N TYR B 119 -2.55 0.64 -30.36
CA TYR B 119 -3.87 0.05 -30.23
C TYR B 119 -4.97 1.05 -30.09
N PRO B 120 -6.19 0.71 -30.53
CA PRO B 120 -7.35 1.63 -30.44
C PRO B 120 -7.88 1.79 -29.04
N ASP B 121 -7.63 0.84 -28.17
CA ASP B 121 -8.31 0.86 -26.88
C ASP B 121 -7.38 1.26 -25.75
N ALA B 122 -7.94 1.78 -24.69
CA ALA B 122 -7.16 2.23 -23.54
C ALA B 122 -6.44 1.08 -22.81
N ALA B 123 -7.03 -0.11 -22.77
CA ALA B 123 -6.46 -1.20 -21.96
C ALA B 123 -5.10 -1.65 -22.52
N ARG B 124 -5.07 -1.99 -23.80
CA ARG B 124 -3.85 -2.45 -24.39
C ARG B 124 -2.86 -1.32 -24.60
N THR B 125 -3.32 -0.11 -24.78
CA THR B 125 -2.39 1.04 -24.79
C THR B 125 -1.66 1.21 -23.43
N ASP B 126 -2.38 1.23 -22.33
CA ASP B 126 -1.72 1.18 -21.02
C ASP B 126 -0.83 -0.03 -20.81
N ALA B 127 -1.23 -1.21 -21.27
CA ALA B 127 -0.42 -2.41 -21.10
C ALA B 127 0.92 -2.24 -21.81
N GLU B 128 0.86 -1.64 -23.02
CA GLU B 128 2.02 -1.43 -23.85
C GLU B 128 3.00 -0.50 -23.15
N HIS B 129 2.48 0.61 -22.60
CA HIS B 129 3.28 1.59 -21.85
C HIS B 129 3.87 0.96 -20.55
N THR B 130 3.12 0.07 -19.94
CA THR B 130 3.65 -0.67 -18.80
C THR B 130 4.87 -1.51 -19.18
N MET B 131 4.73 -2.26 -20.27
CA MET B 131 5.76 -3.14 -20.81
C MET B 131 7.00 -2.34 -21.08
N PHE B 132 6.84 -1.16 -21.67
CA PHE B 132 7.93 -0.24 -21.93
C PHE B 132 8.53 0.25 -20.66
N THR B 133 7.69 0.53 -19.68
CA THR B 133 8.17 0.99 -18.38
C THR B 133 9.05 -0.06 -17.68
N VAL B 134 8.63 -1.33 -17.67
CA VAL B 134 9.47 -2.37 -17.01
C VAL B 134 10.79 -2.58 -17.77
N ALA B 135 10.78 -2.52 -19.10
CA ALA B 135 11.98 -2.53 -19.89
C ALA B 135 12.94 -1.44 -19.51
N VAL B 136 12.49 -0.21 -19.34
CA VAL B 136 13.44 0.83 -18.89
C VAL B 136 13.98 0.47 -17.50
N GLY B 137 13.11 -0.08 -16.65
CA GLY B 137 13.50 -0.52 -15.34
C GLY B 137 14.64 -1.52 -15.39
N ALA B 138 14.55 -2.46 -16.33
CA ALA B 138 15.57 -3.45 -16.54
C ALA B 138 16.89 -2.85 -17.03
N ALA B 139 16.80 -1.86 -17.92
CA ALA B 139 17.97 -1.15 -18.41
C ALA B 139 18.66 -0.35 -17.31
N VAL B 140 17.90 0.14 -16.33
CA VAL B 140 18.51 0.89 -15.23
C VAL B 140 19.29 -0.03 -14.28
N GLN B 141 18.70 -1.15 -13.91
CA GLN B 141 19.43 -2.17 -13.11
C GLN B 141 20.75 -2.51 -13.80
N ALA B 142 20.67 -2.82 -15.09
CA ALA B 142 21.85 -3.20 -15.84
C ALA B 142 22.91 -2.08 -15.90
N LEU B 143 22.50 -0.82 -15.84
CA LEU B 143 23.46 0.28 -15.69
C LEU B 143 24.08 0.35 -14.32
N LEU B 144 23.30 0.16 -13.27
CA LEU B 144 23.84 0.27 -11.93
C LEU B 144 24.92 -0.82 -11.75
N VAL B 145 24.69 -1.98 -12.40
CA VAL B 145 25.54 -3.14 -12.24
C VAL B 145 26.77 -2.93 -13.10
N ALA B 146 26.57 -2.42 -14.33
CA ALA B 146 27.70 -2.08 -15.19
C ALA B 146 28.60 -1.03 -14.50
N LEU B 147 28.01 0.03 -13.96
CA LEU B 147 28.81 0.96 -13.15
C LEU B 147 29.55 0.19 -12.04
N ALA B 148 28.81 -0.57 -11.24
CA ALA B 148 29.42 -1.23 -10.06
C ALA B 148 30.60 -2.16 -10.40
N VAL B 149 30.56 -2.79 -11.58
CA VAL B 149 31.61 -3.69 -11.97
C VAL B 149 32.82 -2.92 -12.53
N ARG B 150 32.60 -1.69 -12.98
CA ARG B 150 33.69 -0.79 -13.32
C ARG B 150 34.13 0.06 -12.13
N GLY B 151 33.80 -0.38 -10.93
CA GLY B 151 34.22 0.30 -9.70
C GLY B 151 33.48 1.58 -9.32
N LEU B 152 32.32 1.81 -9.92
CA LEU B 152 31.64 3.09 -9.76
C LEU B 152 30.35 2.89 -9.01
N GLY B 153 30.12 3.71 -7.99
CA GLY B 153 28.86 3.70 -7.24
C GLY B 153 27.73 4.45 -7.92
N SER B 154 26.51 4.24 -7.40
CA SER B 154 25.34 4.96 -7.93
C SER B 154 24.12 4.84 -7.02
N CYS B 155 23.18 5.75 -7.22
CA CYS B 155 21.92 5.79 -6.47
C CYS B 155 20.83 6.35 -7.37
N TRP B 156 19.77 5.56 -7.48
CA TRP B 156 18.63 5.90 -8.27
C TRP B 156 17.74 6.77 -7.37
N ILE B 157 17.43 7.97 -7.88
CA ILE B 157 16.55 8.94 -7.24
C ILE B 157 15.30 9.09 -8.10
N GLY B 158 14.14 8.82 -7.51
CA GLY B 158 12.89 8.80 -8.26
C GLY B 158 12.21 10.14 -8.54
N SER B 159 12.80 11.23 -8.06
CA SER B 159 12.17 12.51 -8.08
C SER B 159 11.68 12.97 -9.44
N THR B 160 12.45 12.80 -10.51
CA THR B 160 11.97 13.33 -11.78
C THR B 160 10.63 12.70 -12.21
N ILE B 161 10.37 11.44 -11.77
CA ILE B 161 9.08 10.79 -12.06
C ILE B 161 7.91 11.68 -11.63
N PHE B 162 8.08 12.43 -10.53
CA PHE B 162 7.04 13.34 -10.01
C PHE B 162 7.08 14.76 -10.59
N ALA B 163 7.91 14.98 -11.62
CA ALA B 163 7.98 16.29 -12.25
C ALA B 163 8.23 16.19 -13.79
N ALA B 164 7.48 15.36 -14.47
CA ALA B 164 7.73 15.00 -15.86
C ALA B 164 7.65 16.21 -16.73
N ASP B 165 6.61 17.06 -16.55
CA ASP B 165 6.49 18.27 -17.37
C ASP B 165 7.67 19.20 -17.19
N LEU B 166 8.14 19.43 -15.97
CA LEU B 166 9.30 20.33 -15.75
C LEU B 166 10.58 19.84 -16.37
N VAL B 167 10.80 18.53 -16.32
CA VAL B 167 11.99 17.91 -16.94
C VAL B 167 11.95 18.13 -18.47
N ARG B 168 10.78 17.80 -19.07
CA ARG B 168 10.55 17.91 -20.51
C ARG B 168 10.68 19.34 -20.96
N ASP B 169 10.14 20.28 -20.20
CA ASP B 169 10.25 21.70 -20.58
C ASP B 169 11.69 22.15 -20.45
N GLU B 170 12.30 21.87 -19.31
CA GLU B 170 13.67 22.32 -19.09
C GLU B 170 14.67 21.74 -20.10
N LEU B 171 14.50 20.49 -20.49
CA LEU B 171 15.46 19.83 -21.36
C LEU B 171 15.04 19.80 -22.84
N ASP B 172 13.86 20.34 -23.15
CA ASP B 172 13.40 20.59 -24.54
C ASP B 172 13.12 19.35 -25.29
N LEU B 173 12.53 18.42 -24.56
CA LEU B 173 12.27 17.14 -25.09
C LEU B 173 10.81 17.09 -25.52
N PRO B 174 10.49 16.32 -26.55
CA PRO B 174 9.09 16.06 -26.90
C PRO B 174 8.23 15.50 -25.75
N VAL B 175 6.92 15.63 -25.93
CA VAL B 175 5.91 15.23 -24.98
C VAL B 175 5.92 13.74 -24.56
N ASP B 176 6.41 12.85 -25.39
CA ASP B 176 6.29 11.44 -25.07
C ASP B 176 7.54 10.83 -24.47
N TRP B 177 8.56 11.65 -24.24
CA TRP B 177 9.70 11.27 -23.44
C TRP B 177 9.32 11.45 -21.96
N GLU B 178 9.45 10.38 -21.20
CA GLU B 178 8.97 10.28 -19.84
C GLU B 178 10.13 9.92 -18.94
N PRO B 179 10.50 10.83 -18.04
CA PRO B 179 11.62 10.63 -17.14
C PRO B 179 11.32 9.59 -16.09
N LEU B 180 12.28 8.73 -15.81
CA LEU B 180 12.03 7.63 -14.88
C LEU B 180 13.09 7.65 -13.77
N GLY B 181 13.29 8.87 -13.28
CA GLY B 181 14.18 9.09 -12.17
C GLY B 181 15.45 9.78 -12.57
N ALA B 182 16.48 9.59 -11.75
CA ALA B 182 17.78 10.18 -12.00
C ALA B 182 18.80 9.32 -11.35
N ILE B 183 19.93 9.15 -12.01
CA ILE B 183 20.99 8.27 -11.53
C ILE B 183 22.26 9.07 -11.19
N ALA B 184 22.55 9.16 -9.89
CA ALA B 184 23.74 9.81 -9.37
C ALA B 184 24.89 8.81 -9.45
N ILE B 185 26.01 9.27 -9.99
CA ILE B 185 27.08 8.36 -10.29
C ILE B 185 28.35 8.94 -9.74
N GLY B 186 29.09 8.11 -9.00
CA GLY B 186 30.45 8.49 -8.54
C GLY B 186 31.20 7.40 -7.84
N TYR B 187 32.48 7.65 -7.55
CA TYR B 187 33.24 6.76 -6.68
C TYR B 187 32.72 6.99 -5.27
N ALA B 188 32.36 5.90 -4.60
CA ALA B 188 31.80 5.95 -3.28
C ALA B 188 32.82 6.55 -2.33
N ASP B 189 32.36 7.34 -1.37
CA ASP B 189 33.28 7.96 -0.42
C ASP B 189 33.81 6.90 0.57
N GLU B 190 33.02 5.87 0.83
CA GLU B 190 33.41 4.79 1.72
C GLU B 190 33.50 3.50 0.90
N PRO B 191 34.59 2.70 1.06
CA PRO B 191 34.59 1.39 0.41
C PRO B 191 33.39 0.59 0.90
N SER B 192 32.78 -0.22 0.05
CA SER B 192 31.76 -1.14 0.52
C SER B 192 32.06 -2.51 -0.02
N GLY B 193 31.84 -3.52 0.83
CA GLY B 193 32.01 -4.89 0.45
C GLY B 193 30.88 -5.38 -0.47
N LEU B 194 30.90 -6.70 -0.66
CA LEU B 194 29.85 -7.41 -1.35
C LEU B 194 28.69 -7.54 -0.39
N ARG B 195 27.49 -7.24 -0.86
CA ARG B 195 26.28 -7.57 -0.12
C ARG B 195 26.11 -9.08 -0.14
N ASP B 196 25.55 -9.59 0.93
CA ASP B 196 25.29 -11.00 1.08
C ASP B 196 23.78 -11.05 1.09
N PRO B 197 23.14 -11.45 -0.02
CA PRO B 197 21.71 -11.24 -0.06
C PRO B 197 20.98 -12.25 0.80
N VAL B 198 19.80 -11.89 1.27
CA VAL B 198 19.05 -12.80 2.11
C VAL B 198 18.15 -13.72 1.27
N PRO B 199 17.69 -14.83 1.89
CA PRO B 199 16.73 -15.62 1.12
C PRO B 199 15.42 -14.83 0.73
N ALA B 200 14.79 -15.27 -0.34
CA ALA B 200 13.61 -14.61 -0.83
C ALA B 200 12.42 -14.71 0.12
N ALA B 201 12.32 -15.81 0.85
CA ALA B 201 11.32 -15.92 1.91
C ALA B 201 9.89 -15.54 1.38
N ASP B 202 9.17 -14.63 2.02
CA ASP B 202 7.79 -14.30 1.56
C ASP B 202 7.67 -13.54 0.21
N LEU B 203 8.79 -13.16 -0.42
CA LEU B 203 8.76 -12.47 -1.68
C LEU B 203 8.73 -13.46 -2.85
N LEU B 204 8.90 -14.75 -2.57
CA LEU B 204 8.73 -15.79 -3.59
C LEU B 204 7.50 -16.57 -3.20
N ILE B 205 6.54 -16.65 -4.12
CA ILE B 205 5.25 -17.28 -3.87
C ILE B 205 5.23 -18.51 -4.75
N LEU B 206 4.81 -19.63 -4.18
CA LEU B 206 4.70 -20.87 -4.91
C LEU B 206 3.21 -21.19 -5.21
N LYS B 207 2.87 -21.63 -6.42
CA LYS B 207 1.46 -21.88 -6.78
C LYS B 207 1.24 -23.24 -7.44
N LEU C 8 -12.73 19.76 37.40
CA LEU C 8 -13.84 19.04 36.69
C LEU C 8 -13.85 19.42 35.20
N GLU C 9 -13.98 20.71 34.92
CA GLU C 9 -13.83 21.27 33.57
C GLU C 9 -12.47 20.86 32.94
N LEU C 10 -11.37 21.10 33.66
CA LEU C 10 -10.05 20.75 33.12
C LEU C 10 -9.97 19.26 32.74
N GLY C 11 -10.45 18.40 33.65
CA GLY C 11 -10.47 16.96 33.47
C GLY C 11 -11.15 16.50 32.19
N ARG C 12 -12.26 17.15 31.85
CA ARG C 12 -12.97 16.88 30.59
C ARG C 12 -12.12 17.12 29.34
N GLN C 13 -11.43 18.26 29.31
CA GLN C 13 -10.52 18.62 28.21
C GLN C 13 -9.42 17.54 28.01
N GLN C 14 -8.95 17.01 29.14
CA GLN C 14 -7.81 16.06 29.22
C GLN C 14 -8.01 14.58 28.78
N ALA C 15 -9.25 14.11 28.77
CA ALA C 15 -9.54 12.65 28.84
C ALA C 15 -8.85 11.83 27.78
N GLN C 16 -8.87 12.32 26.55
CA GLN C 16 -8.38 11.51 25.44
C GLN C 16 -6.85 11.57 25.35
N LEU C 17 -6.29 12.57 25.99
CA LEU C 17 -4.83 12.80 26.02
C LEU C 17 -4.15 11.90 27.06
N LEU C 18 -4.95 11.23 27.89
CA LEU C 18 -4.40 10.28 28.82
C LEU C 18 -4.24 8.93 28.19
N ARG C 19 -4.81 8.75 27.00
CA ARG C 19 -4.76 7.43 26.37
C ARG C 19 -3.46 7.23 25.56
N ARG C 20 -2.78 6.10 25.79
CA ARG C 20 -1.53 5.68 25.10
C ARG C 20 -1.55 4.13 24.94
N SER C 21 -0.87 3.59 23.95
CA SER C 21 -0.76 2.13 23.90
C SER C 21 0.32 1.69 24.89
N VAL C 22 -0.08 1.13 26.03
CA VAL C 22 0.89 0.68 27.05
C VAL C 22 1.30 -0.77 26.72
N ARG C 23 2.60 -1.06 26.66
CA ARG C 23 3.07 -2.43 26.37
C ARG C 23 3.65 -3.16 27.58
N ARG C 24 3.92 -2.42 28.65
CA ARG C 24 4.50 -2.97 29.87
C ARG C 24 3.56 -2.57 31.05
N PHE C 25 3.10 -3.57 31.81
CA PHE C 25 2.20 -3.38 32.94
C PHE C 25 2.81 -3.79 34.27
N SER C 26 2.37 -3.16 35.35
CA SER C 26 2.77 -3.66 36.68
C SER C 26 1.94 -4.90 36.99
N THR C 27 2.24 -5.52 38.14
CA THR C 27 1.45 -6.66 38.64
C THR C 27 0.44 -6.21 39.71
N ASP C 28 0.05 -4.95 39.71
CA ASP C 28 -1.12 -4.57 40.48
C ASP C 28 -2.34 -5.24 39.81
N PRO C 29 -3.15 -5.98 40.61
CA PRO C 29 -4.42 -6.49 40.05
C PRO C 29 -5.38 -5.36 39.66
N VAL C 30 -6.10 -5.53 38.57
CA VAL C 30 -7.03 -4.51 38.11
C VAL C 30 -8.39 -4.68 38.74
N PRO C 31 -8.92 -3.65 39.45
CA PRO C 31 -10.27 -3.82 40.01
C PRO C 31 -11.29 -4.14 38.94
N GLY C 32 -12.01 -5.25 39.13
CA GLY C 32 -13.06 -5.65 38.20
C GLY C 32 -14.10 -4.55 37.95
N ASP C 33 -14.49 -3.84 38.99
CA ASP C 33 -15.51 -2.80 38.84
C ASP C 33 -15.08 -1.64 37.93
N LEU C 34 -13.80 -1.43 37.74
CA LEU C 34 -13.39 -0.34 36.83
C LEU C 34 -13.50 -0.77 35.38
N VAL C 35 -13.24 -2.05 35.13
CA VAL C 35 -13.34 -2.61 33.80
C VAL C 35 -14.81 -2.54 33.41
N GLU C 36 -15.69 -2.99 34.27
CA GLU C 36 -17.14 -2.90 34.03
C GLU C 36 -17.60 -1.50 33.79
N ALA C 37 -17.20 -0.55 34.63
CA ALA C 37 -17.57 0.86 34.40
C ALA C 37 -17.01 1.41 33.09
N ALA C 38 -15.78 1.03 32.72
CA ALA C 38 -15.16 1.59 31.55
C ALA C 38 -15.84 1.06 30.31
N VAL C 39 -16.32 -0.17 30.38
CA VAL C 39 -17.08 -0.76 29.29
C VAL C 39 -18.43 -0.07 29.18
N ALA C 40 -18.99 0.30 30.31
CA ALA C 40 -20.26 1.04 30.31
C ALA C 40 -20.13 2.42 29.62
N GLU C 41 -19.01 3.10 29.80
CA GLU C 41 -18.75 4.39 29.14
C GLU C 41 -18.40 4.15 27.68
N ALA C 42 -17.71 3.07 27.38
CA ALA C 42 -17.34 2.75 25.99
C ALA C 42 -18.57 2.61 25.12
N LEU C 43 -19.58 1.92 25.63
CA LEU C 43 -20.84 1.74 24.93
C LEU C 43 -21.68 3.03 24.77
N THR C 44 -21.17 4.19 25.14
CA THR C 44 -21.77 5.46 24.70
C THR C 44 -21.30 5.90 23.29
N ALA C 45 -20.43 5.14 22.68
CA ALA C 45 -20.03 5.40 21.31
C ALA C 45 -21.24 5.27 20.40
N PRO C 46 -21.28 6.06 19.33
CA PRO C 46 -22.45 5.97 18.48
C PRO C 46 -22.52 4.65 17.74
N ALA C 47 -23.71 4.32 17.31
CA ALA C 47 -23.94 3.12 16.56
C ALA C 47 -25.13 3.40 15.67
N PRO C 48 -25.08 2.88 14.44
CA PRO C 48 -26.17 3.14 13.51
C PRO C 48 -27.57 2.80 14.10
N HIS C 49 -28.57 3.49 13.57
CA HIS C 49 -29.91 3.47 14.14
C HIS C 49 -30.34 2.00 14.30
N HIS C 50 -30.66 1.66 15.53
CA HIS C 50 -31.40 0.46 15.82
C HIS C 50 -30.52 -0.79 15.71
N THR C 51 -29.25 -0.60 16.11
CA THR C 51 -28.22 -1.65 16.11
C THR C 51 -27.47 -1.61 17.44
N ARG C 52 -26.85 -2.73 17.83
CA ARG C 52 -25.87 -2.74 18.88
C ARG C 52 -24.69 -3.57 18.36
N PRO C 53 -23.75 -2.90 17.70
CA PRO C 53 -22.76 -3.63 16.95
C PRO C 53 -21.72 -4.34 17.79
N THR C 54 -21.56 -3.97 19.06
CA THR C 54 -20.43 -4.38 19.84
C THR C 54 -20.77 -5.23 21.06
N ARG C 55 -19.95 -6.26 21.30
CA ARG C 55 -19.81 -6.92 22.60
C ARG C 55 -18.35 -6.87 22.97
N PHE C 56 -18.06 -6.86 24.26
CA PHE C 56 -16.72 -7.04 24.77
C PHE C 56 -16.64 -8.35 25.54
N VAL C 57 -15.72 -9.22 25.16
CA VAL C 57 -15.59 -10.54 25.72
C VAL C 57 -14.39 -10.57 26.62
N TRP C 58 -14.66 -10.59 27.91
CA TRP C 58 -13.64 -10.50 28.93
C TRP C 58 -13.08 -11.89 29.21
N LEU C 59 -11.80 -12.09 28.95
CA LEU C 59 -11.21 -13.42 29.14
C LEU C 59 -10.78 -13.53 30.58
N GLN C 60 -11.74 -13.86 31.43
CA GLN C 60 -11.47 -13.89 32.88
C GLN C 60 -10.80 -15.18 33.29
N THR C 61 -11.06 -16.27 32.58
CA THR C 61 -10.58 -17.59 32.97
C THR C 61 -9.15 -17.81 32.47
N PRO C 62 -8.19 -17.95 33.40
CA PRO C 62 -6.79 -18.06 32.97
C PRO C 62 -6.56 -19.18 31.97
N ALA C 63 -7.20 -20.33 32.15
CA ALA C 63 -6.93 -21.48 31.28
C ALA C 63 -7.50 -21.28 29.88
N ILE C 64 -8.62 -20.58 29.80
CA ILE C 64 -9.27 -20.27 28.52
C ILE C 64 -8.45 -19.29 27.69
N ARG C 65 -7.95 -18.25 28.34
CA ARG C 65 -7.10 -17.29 27.72
C ARG C 65 -5.87 -17.97 27.11
N ALA C 66 -5.17 -18.78 27.90
CA ALA C 66 -3.95 -19.46 27.40
C ALA C 66 -4.23 -20.48 26.28
N ARG C 67 -5.30 -21.29 26.42
CA ARG C 67 -5.65 -22.22 25.36
C ARG C 67 -5.84 -21.46 24.00
N LEU C 68 -6.52 -20.32 24.09
CA LEU C 68 -6.82 -19.51 22.91
C LEU C 68 -5.55 -18.90 22.31
N LEU C 69 -4.72 -18.29 23.15
CA LEU C 69 -3.47 -17.72 22.62
C LEU C 69 -2.55 -18.82 22.07
N ASP C 70 -2.50 -19.97 22.74
CA ASP C 70 -1.71 -21.11 22.23
C ASP C 70 -2.21 -21.56 20.84
N ARG C 71 -3.53 -21.65 20.63
CA ARG C 71 -3.99 -22.03 19.29
C ARG C 71 -3.56 -20.99 18.27
N MET C 72 -3.56 -19.73 18.70
CA MET C 72 -3.28 -18.61 17.78
C MET C 72 -1.81 -18.72 17.41
N LYS C 73 -0.98 -18.99 18.39
CA LYS C 73 0.45 -19.13 18.18
C LYS C 73 0.76 -20.26 17.19
N ASP C 74 0.18 -21.45 17.38
CA ASP C 74 0.34 -22.53 16.40
C ASP C 74 -0.10 -22.14 14.97
N LYS C 75 -1.25 -21.50 14.85
CA LYS C 75 -1.66 -21.05 13.54
C LYS C 75 -0.60 -20.10 12.93
N TRP C 76 -0.13 -19.12 13.72
CA TRP C 76 0.88 -18.12 13.26
C TRP C 76 2.14 -18.76 12.74
N ARG C 77 2.72 -19.64 13.55
CA ARG C 77 3.91 -20.29 13.15
C ARG C 77 3.69 -21.04 11.85
N SER C 78 2.53 -21.67 11.74
CA SER C 78 2.24 -22.53 10.63
C SER C 78 1.97 -21.69 9.37
N ASP C 79 1.20 -20.62 9.47
CA ASP C 79 1.04 -19.71 8.33
C ASP C 79 2.34 -19.04 7.87
N LEU C 80 3.06 -18.44 8.82
CA LEU C 80 4.34 -17.78 8.52
C LEU C 80 5.42 -18.76 8.03
N THR C 81 5.41 -19.99 8.54
CA THR C 81 6.29 -21.01 7.94
C THR C 81 5.84 -21.26 6.51
N SER C 82 4.54 -21.38 6.30
CA SER C 82 4.03 -21.65 4.99
C SER C 82 4.36 -20.47 4.06
N ASP C 83 4.31 -19.23 4.57
CA ASP C 83 4.80 -18.03 3.81
C ASP C 83 6.31 -18.01 3.44
N GLY C 84 7.11 -18.86 4.08
CA GLY C 84 8.54 -18.87 3.78
C GLY C 84 9.47 -18.08 4.69
N LEU C 85 8.96 -17.54 5.78
CA LEU C 85 9.79 -16.72 6.64
C LEU C 85 10.77 -17.62 7.40
N PRO C 86 11.96 -17.10 7.72
CA PRO C 86 12.92 -17.82 8.52
C PRO C 86 12.47 -17.92 9.99
N ALA C 87 12.88 -19.00 10.61
CA ALA C 87 12.45 -19.35 11.95
C ALA C 87 12.69 -18.20 12.94
N ASP C 88 13.84 -17.54 12.85
CA ASP C 88 14.21 -16.47 13.79
C ASP C 88 13.21 -15.33 13.65
N ALA C 89 12.81 -15.05 12.42
CA ALA C 89 11.85 -14.00 12.20
C ALA C 89 10.44 -14.41 12.65
N ILE C 90 10.07 -15.68 12.48
CA ILE C 90 8.78 -16.16 13.00
C ILE C 90 8.73 -15.96 14.53
N GLU C 91 9.83 -16.22 15.21
CA GLU C 91 9.87 -16.03 16.66
C GLU C 91 9.78 -14.56 17.09
N ARG C 92 10.46 -13.65 16.39
CA ARG C 92 10.29 -12.21 16.69
C ARG C 92 8.81 -11.83 16.57
N ARG C 93 8.15 -12.25 15.49
CA ARG C 93 6.74 -11.89 15.28
C ARG C 93 5.83 -12.55 16.36
N VAL C 94 6.10 -13.80 16.73
CA VAL C 94 5.35 -14.51 17.75
C VAL C 94 5.61 -13.99 19.17
N ALA C 95 6.78 -13.41 19.42
CA ALA C 95 7.06 -12.80 20.72
C ALA C 95 6.37 -11.45 20.94
N ARG C 96 6.04 -10.70 19.89
CA ARG C 96 5.18 -9.53 20.07
C ARG C 96 3.76 -9.85 20.61
N GLY C 97 3.36 -11.12 20.60
CA GLY C 97 2.08 -11.54 21.18
C GLY C 97 2.14 -11.85 22.67
N GLN C 98 3.32 -11.71 23.27
CA GLN C 98 3.54 -12.14 24.65
C GLN C 98 2.76 -11.28 25.61
N ILE C 99 2.54 -10.04 25.22
CA ILE C 99 1.71 -9.10 25.98
C ILE C 99 0.29 -9.62 26.37
N LEU C 100 -0.34 -10.40 25.52
CA LEU C 100 -1.65 -10.91 25.79
C LEU C 100 -1.61 -12.07 26.75
N TYR C 101 -0.47 -12.76 26.81
CA TYR C 101 -0.24 -13.75 27.85
C TYR C 101 -0.05 -13.06 29.22
N ASP C 102 0.74 -11.99 29.24
CA ASP C 102 1.16 -11.36 30.50
C ASP C 102 0.21 -10.27 31.00
N ALA C 103 -0.66 -9.72 30.18
CA ALA C 103 -1.48 -8.58 30.62
C ALA C 103 -2.38 -8.97 31.81
N PRO C 104 -2.65 -8.01 32.70
CA PRO C 104 -3.49 -8.39 33.83
C PRO C 104 -4.92 -8.74 33.43
N GLU C 105 -5.49 -8.03 32.46
CA GLU C 105 -6.79 -8.37 31.89
C GLU C 105 -6.76 -8.32 30.34
N VAL C 106 -7.58 -9.12 29.67
CA VAL C 106 -7.70 -9.04 28.22
C VAL C 106 -9.20 -9.04 27.87
N VAL C 107 -9.62 -8.15 27.01
CA VAL C 107 -10.99 -8.06 26.51
C VAL C 107 -10.96 -8.14 24.96
N ILE C 108 -11.76 -9.03 24.37
CA ILE C 108 -11.93 -9.12 22.92
C ILE C 108 -13.17 -8.36 22.47
N PRO C 109 -12.97 -7.26 21.74
CA PRO C 109 -14.13 -6.62 21.13
C PRO C 109 -14.63 -7.47 19.97
N MET C 110 -15.95 -7.65 19.90
CA MET C 110 -16.56 -8.40 18.82
C MET C 110 -17.57 -7.51 18.13
N LEU C 111 -17.63 -7.61 16.80
CA LEU C 111 -18.74 -7.15 15.99
C LEU C 111 -19.81 -8.23 16.04
N VAL C 112 -21.05 -7.81 16.30
CA VAL C 112 -22.25 -8.65 16.29
C VAL C 112 -23.16 -7.91 15.30
N PRO C 113 -23.49 -8.55 14.17
CA PRO C 113 -24.33 -7.86 13.19
C PRO C 113 -25.82 -7.71 13.61
N ASP C 114 -26.02 -7.33 14.87
CA ASP C 114 -27.32 -7.04 15.53
C ASP C 114 -28.02 -5.88 14.84
N GLY C 115 -28.92 -6.20 13.93
CA GLY C 115 -29.75 -5.16 13.29
C GLY C 115 -29.18 -4.79 11.92
N ALA C 116 -28.24 -5.57 11.38
CA ALA C 116 -27.83 -5.37 9.99
C ALA C 116 -29.01 -5.51 9.04
N HIS C 117 -29.03 -4.68 8.03
CA HIS C 117 -29.98 -4.86 6.95
C HIS C 117 -29.38 -5.77 5.91
N SER C 118 -30.21 -6.63 5.32
CA SER C 118 -29.74 -7.46 4.20
C SER C 118 -30.06 -6.79 2.86
N TYR C 119 -29.19 -7.05 1.89
CA TYR C 119 -29.44 -6.50 0.56
C TYR C 119 -29.29 -7.57 -0.53
N PRO C 120 -29.85 -7.34 -1.70
CA PRO C 120 -29.68 -8.38 -2.70
C PRO C 120 -28.31 -8.35 -3.38
N ASP C 121 -27.54 -7.29 -3.20
CA ASP C 121 -26.29 -7.09 -3.94
C ASP C 121 -25.12 -7.05 -3.01
N ALA C 122 -24.00 -7.56 -3.54
CA ALA C 122 -22.73 -7.56 -2.87
C ALA C 122 -22.31 -6.23 -2.31
N ALA C 123 -22.48 -5.18 -3.06
CA ALA C 123 -21.82 -3.93 -2.71
C ALA C 123 -22.47 -3.25 -1.49
N ARG C 124 -23.80 -3.16 -1.44
CA ARG C 124 -24.49 -2.73 -0.23
C ARG C 124 -24.29 -3.72 0.97
N THR C 125 -24.32 -5.03 0.70
CA THR C 125 -23.91 -6.04 1.73
C THR C 125 -22.58 -5.72 2.38
N ASP C 126 -21.53 -5.48 1.59
CA ASP C 126 -20.21 -5.13 2.11
C ASP C 126 -20.24 -3.76 2.78
N ALA C 127 -21.01 -2.84 2.23
CA ALA C 127 -21.07 -1.51 2.84
C ALA C 127 -21.70 -1.58 4.25
N GLU C 128 -22.80 -2.31 4.36
CA GLU C 128 -23.42 -2.51 5.69
C GLU C 128 -22.40 -3.13 6.69
N HIS C 129 -21.70 -4.16 6.29
CA HIS C 129 -20.63 -4.78 7.12
C HIS C 129 -19.54 -3.80 7.54
N THR C 130 -19.14 -2.96 6.60
CA THR C 130 -18.17 -1.92 6.85
C THR C 130 -18.68 -0.94 7.85
N MET C 131 -19.95 -0.56 7.73
CA MET C 131 -20.57 0.35 8.63
C MET C 131 -20.58 -0.15 10.07
N PHE C 132 -20.88 -1.43 10.27
CA PHE C 132 -20.78 -2.07 11.56
C PHE C 132 -19.36 -2.13 12.11
N THR C 133 -18.44 -2.46 11.22
CA THR C 133 -17.03 -2.56 11.58
C THR C 133 -16.52 -1.22 12.13
N VAL C 134 -16.87 -0.16 11.44
CA VAL C 134 -16.38 1.11 11.83
C VAL C 134 -16.98 1.52 13.15
N ALA C 135 -18.26 1.24 13.41
CA ALA C 135 -18.83 1.48 14.75
C ALA C 135 -18.13 0.72 15.85
N VAL C 136 -17.73 -0.50 15.62
CA VAL C 136 -17.09 -1.21 16.72
C VAL C 136 -15.75 -0.54 17.07
N GLY C 137 -15.06 -0.08 16.05
CA GLY C 137 -13.84 0.67 16.32
C GLY C 137 -13.99 1.94 17.15
N ALA C 138 -15.09 2.67 16.98
CA ALA C 138 -15.40 3.76 17.84
C ALA C 138 -15.59 3.34 19.30
N ALA C 139 -16.33 2.26 19.51
CA ALA C 139 -16.54 1.73 20.85
C ALA C 139 -15.20 1.29 21.45
N VAL C 140 -14.32 0.73 20.65
CA VAL C 140 -12.97 0.34 21.13
C VAL C 140 -12.19 1.55 21.63
N GLN C 141 -12.07 2.58 20.80
CA GLN C 141 -11.50 3.87 21.24
C GLN C 141 -12.13 4.35 22.56
N ALA C 142 -13.44 4.33 22.65
CA ALA C 142 -14.13 4.80 23.83
C ALA C 142 -13.82 3.94 25.07
N LEU C 143 -13.73 2.62 24.92
CA LEU C 143 -13.13 1.78 26.03
C LEU C 143 -11.69 2.18 26.49
N LEU C 144 -10.76 2.31 25.56
CA LEU C 144 -9.38 2.64 25.90
C LEU C 144 -9.34 3.94 26.68
N VAL C 145 -10.12 4.89 26.21
CA VAL C 145 -10.24 6.16 26.93
C VAL C 145 -10.93 5.98 28.31
N ALA C 146 -12.10 5.37 28.36
CA ALA C 146 -12.75 5.10 29.63
C ALA C 146 -11.76 4.42 30.60
N LEU C 147 -10.96 3.48 30.10
CA LEU C 147 -9.91 2.83 30.89
C LEU C 147 -8.84 3.80 31.38
N ALA C 148 -8.31 4.60 30.47
CA ALA C 148 -7.21 5.54 30.74
C ALA C 148 -7.55 6.55 31.83
N VAL C 149 -8.79 6.99 31.79
CA VAL C 149 -9.28 8.02 32.65
C VAL C 149 -9.69 7.41 34.02
N ARG C 150 -9.81 6.09 34.07
CA ARG C 150 -9.82 5.41 35.35
C ARG C 150 -8.40 4.98 35.74
N GLY C 151 -7.38 5.56 35.13
CA GLY C 151 -6.00 5.29 35.52
C GLY C 151 -5.45 3.97 35.01
N LEU C 152 -6.10 3.39 33.99
CA LEU C 152 -5.65 2.11 33.43
C LEU C 152 -5.04 2.23 32.05
N GLY C 153 -3.89 1.59 31.85
CA GLY C 153 -3.29 1.53 30.53
C GLY C 153 -3.97 0.42 29.71
N SER C 154 -3.79 0.45 28.41
CA SER C 154 -4.38 -0.56 27.52
C SER C 154 -3.56 -0.61 26.27
N CYS C 155 -3.70 -1.68 25.48
CA CYS C 155 -3.07 -1.74 24.19
C CYS C 155 -3.95 -2.59 23.30
N TRP C 156 -4.24 -2.10 22.11
CA TRP C 156 -5.05 -2.82 21.17
C TRP C 156 -4.14 -3.66 20.29
N ILE C 157 -4.36 -4.98 20.27
CA ILE C 157 -3.49 -5.88 19.57
C ILE C 157 -4.35 -6.54 18.47
N GLY C 158 -3.91 -6.52 17.22
CA GLY C 158 -4.75 -6.83 16.06
C GLY C 158 -5.00 -8.31 15.75
N SER C 159 -4.25 -9.20 16.41
CA SER C 159 -4.12 -10.59 15.99
C SER C 159 -5.45 -11.39 15.85
N THR C 160 -6.41 -11.25 16.78
CA THR C 160 -7.67 -12.03 16.60
C THR C 160 -8.41 -11.75 15.30
N ILE C 161 -8.15 -10.59 14.68
CA ILE C 161 -8.77 -10.25 13.39
C ILE C 161 -8.33 -11.24 12.34
N PHE C 162 -7.10 -11.74 12.48
CA PHE C 162 -6.56 -12.75 11.57
C PHE C 162 -6.82 -14.18 12.00
N ALA C 163 -7.54 -14.40 13.10
CA ALA C 163 -7.87 -15.76 13.55
C ALA C 163 -9.34 -15.88 13.94
N ALA C 164 -10.22 -15.38 13.09
CA ALA C 164 -11.66 -15.34 13.38
C ALA C 164 -12.31 -16.70 13.71
N ASP C 165 -12.22 -17.67 12.79
CA ASP C 165 -12.78 -19.04 13.01
C ASP C 165 -12.26 -19.69 14.28
N LEU C 166 -10.99 -19.45 14.54
CA LEU C 166 -10.38 -20.12 15.64
C LEU C 166 -10.92 -19.52 16.94
N VAL C 167 -11.13 -18.22 16.95
CA VAL C 167 -11.64 -17.54 18.12
C VAL C 167 -13.07 -18.00 18.36
N ARG C 168 -13.95 -17.90 17.34
CA ARG C 168 -15.32 -18.41 17.39
C ARG C 168 -15.40 -19.85 17.90
N ASP C 169 -14.63 -20.73 17.26
CA ASP C 169 -14.57 -22.11 17.70
C ASP C 169 -14.05 -22.23 19.14
N GLU C 170 -12.94 -21.58 19.47
CA GLU C 170 -12.42 -21.68 20.85
C GLU C 170 -13.39 -21.13 21.91
N LEU C 171 -14.08 -20.03 21.63
CA LEU C 171 -15.01 -19.46 22.65
C LEU C 171 -16.48 -19.78 22.42
N ASP C 172 -16.75 -20.73 21.54
CA ASP C 172 -18.11 -21.12 21.26
C ASP C 172 -19.05 -19.94 20.91
N LEU C 173 -18.73 -19.20 19.86
CA LEU C 173 -19.46 -17.98 19.56
C LEU C 173 -20.23 -18.26 18.30
N PRO C 174 -21.33 -17.53 18.06
CA PRO C 174 -22.07 -17.69 16.81
C PRO C 174 -21.20 -17.38 15.58
N VAL C 175 -21.50 -18.01 14.46
CA VAL C 175 -20.69 -17.89 13.26
C VAL C 175 -20.50 -16.42 12.80
N ASP C 176 -21.57 -15.63 12.97
CA ASP C 176 -21.77 -14.19 12.77
C ASP C 176 -20.89 -13.24 13.55
N TRP C 177 -20.38 -13.65 14.72
CA TRP C 177 -19.60 -12.72 15.55
C TRP C 177 -18.21 -12.58 14.94
N GLU C 178 -17.63 -11.38 14.94
CA GLU C 178 -16.30 -11.16 14.42
C GLU C 178 -15.39 -10.50 15.44
N PRO C 179 -14.29 -11.15 15.80
CA PRO C 179 -13.35 -10.51 16.73
C PRO C 179 -12.57 -9.37 16.06
N LEU C 180 -12.32 -8.28 16.77
CA LEU C 180 -11.69 -7.13 16.17
C LEU C 180 -10.47 -6.82 17.04
N GLY C 181 -9.72 -7.88 17.39
CA GLY C 181 -8.48 -7.74 18.10
C GLY C 181 -8.60 -8.21 19.52
N ALA C 182 -7.77 -7.63 20.37
CA ALA C 182 -7.76 -7.97 21.79
C ALA C 182 -7.18 -6.78 22.49
N ILE C 183 -7.71 -6.50 23.65
CA ILE C 183 -7.31 -5.33 24.42
CA ILE C 183 -7.33 -5.33 24.42
C ILE C 183 -6.69 -5.75 25.74
N ALA C 184 -5.37 -5.60 25.81
CA ALA C 184 -4.61 -5.79 27.02
C ALA C 184 -4.88 -4.63 27.98
N ILE C 185 -5.11 -4.93 29.25
CA ILE C 185 -5.45 -3.90 30.24
C ILE C 185 -4.64 -4.11 31.53
N GLY C 186 -4.11 -3.02 32.09
CA GLY C 186 -3.37 -3.05 33.39
C GLY C 186 -2.81 -1.69 33.76
N TYR C 187 -2.28 -1.54 34.97
CA TYR C 187 -1.61 -0.27 35.29
C TYR C 187 -0.25 -0.22 34.62
N ALA C 188 0.02 0.91 33.97
CA ALA C 188 1.29 1.09 33.30
C ALA C 188 2.48 0.92 34.24
N ASP C 189 3.52 0.19 33.81
CA ASP C 189 4.76 0.03 34.64
C ASP C 189 5.36 1.39 34.95
N GLU C 190 5.76 2.14 33.94
CA GLU C 190 6.17 3.53 34.13
C GLU C 190 4.96 4.38 33.75
N PRO C 191 4.53 5.32 34.62
CA PRO C 191 3.42 6.21 34.24
C PRO C 191 3.90 7.20 33.16
N SER C 192 2.98 7.87 32.45
CA SER C 192 3.38 8.85 31.41
C SER C 192 2.35 9.95 31.26
N GLY C 193 2.79 11.16 30.93
CA GLY C 193 1.88 12.29 30.68
C GLY C 193 1.05 12.17 29.41
N ARG C 195 0.34 13.75 26.78
CA ARG C 195 0.58 13.86 25.34
C ARG C 195 -0.03 15.11 24.70
N ASP C 196 0.79 15.85 23.96
CA ASP C 196 0.37 17.07 23.26
C ASP C 196 0.10 16.69 21.80
N PRO C 197 -1.15 16.80 21.33
CA PRO C 197 -1.30 16.32 19.93
C PRO C 197 -0.55 17.15 18.93
N VAL C 198 -0.32 16.57 17.78
CA VAL C 198 0.51 17.13 16.74
C VAL C 198 -0.47 17.68 15.70
N PRO C 199 -0.10 18.76 14.97
CA PRO C 199 -1.07 19.19 13.96
C PRO C 199 -1.34 18.11 12.93
N ALA C 200 -2.55 18.08 12.39
CA ALA C 200 -2.98 17.07 11.45
C ALA C 200 -2.16 17.07 10.13
N ALA C 201 -1.67 18.24 9.71
CA ALA C 201 -0.87 18.37 8.51
C ALA C 201 -1.50 17.67 7.32
N ASP C 202 -0.83 16.70 6.69
CA ASP C 202 -1.37 16.09 5.47
C ASP C 202 -2.48 15.06 5.61
N LEU C 203 -2.96 14.83 6.83
CA LEU C 203 -4.01 13.87 7.11
C LEU C 203 -5.36 14.62 7.10
N LEU C 204 -5.29 15.92 6.99
CA LEU C 204 -6.48 16.72 6.87
C LEU C 204 -6.46 17.37 5.51
N ILE C 205 -7.27 16.88 4.61
CA ILE C 205 -7.38 17.32 3.22
C ILE C 205 -8.56 18.30 3.10
N LEU C 206 -8.34 19.41 2.44
CA LEU C 206 -9.35 20.45 2.33
C LEU C 206 -9.89 20.43 0.93
N LYS C 207 -11.21 20.29 0.75
CA LYS C 207 -11.73 20.27 -0.62
C LYS C 207 -12.65 21.44 -0.98
N LEU D 10 -12.92 13.02 38.02
CA LEU D 10 -14.36 13.00 37.63
C LEU D 10 -14.51 13.53 36.22
N GLY D 11 -14.22 14.81 35.98
CA GLY D 11 -14.39 15.44 34.65
C GLY D 11 -13.81 14.67 33.47
N ARG D 12 -12.69 14.00 33.72
CA ARG D 12 -12.10 13.10 32.74
C ARG D 12 -13.05 11.96 32.41
N GLN D 13 -13.66 11.42 33.48
CA GLN D 13 -14.72 10.36 33.38
C GLN D 13 -16.07 10.89 32.84
N GLN D 14 -16.13 12.20 32.56
CA GLN D 14 -17.27 12.82 31.91
C GLN D 14 -17.07 13.17 30.41
N ALA D 15 -15.83 13.35 29.94
CA ALA D 15 -15.55 13.74 28.50
C ALA D 15 -16.39 13.01 27.46
N GLN D 16 -16.38 11.68 27.53
CA GLN D 16 -17.10 10.92 26.53
C GLN D 16 -18.61 10.98 26.76
N LEU D 17 -19.03 11.33 27.98
CA LEU D 17 -20.43 11.47 28.24
C LEU D 17 -21.01 12.77 27.64
N LEU D 18 -20.16 13.72 27.24
CA LEU D 18 -20.65 14.95 26.59
C LEU D 18 -21.03 14.73 25.14
N ARG D 19 -20.63 13.60 24.57
CA ARG D 19 -20.80 13.35 23.13
C ARG D 19 -22.18 12.88 22.90
N ARG D 20 -22.87 13.51 21.96
CA ARG D 20 -24.24 13.13 21.62
C ARG D 20 -24.30 13.25 20.09
N SER D 21 -25.04 12.36 19.44
CA SER D 21 -25.40 12.53 18.04
C SER D 21 -26.40 13.71 17.91
N VAL D 22 -25.92 14.88 17.48
CA VAL D 22 -26.72 16.11 17.39
C VAL D 22 -27.28 16.26 15.99
N ARG D 23 -28.60 16.43 15.85
CA ARG D 23 -29.21 16.59 14.51
C ARG D 23 -29.85 17.92 14.18
N ARG D 24 -29.78 18.89 15.08
CA ARG D 24 -30.23 20.25 14.80
C ARG D 24 -29.16 21.18 15.29
N PHE D 25 -28.58 21.95 14.37
CA PHE D 25 -27.51 22.88 14.71
C PHE D 25 -28.00 24.29 14.62
N SER D 26 -27.47 25.17 15.46
CA SER D 26 -27.76 26.58 15.33
C SER D 26 -26.99 27.18 14.14
N THR D 27 -27.03 28.51 14.03
CA THR D 27 -26.49 29.21 12.87
C THR D 27 -25.10 29.79 13.12
N ASP D 28 -24.72 30.01 14.37
CA ASP D 28 -23.34 30.37 14.71
C ASP D 28 -22.31 29.66 13.81
N PRO D 29 -21.43 30.46 13.17
CA PRO D 29 -20.30 29.87 12.46
C PRO D 29 -19.40 29.03 13.39
N VAL D 30 -18.95 27.86 12.91
CA VAL D 30 -17.99 27.06 13.65
C VAL D 30 -16.64 27.68 13.42
N PRO D 31 -15.91 28.06 14.47
CA PRO D 31 -14.52 28.46 14.21
C PRO D 31 -13.67 27.33 13.64
N GLY D 32 -12.97 27.59 12.55
CA GLY D 32 -12.18 26.55 11.87
C GLY D 32 -10.99 26.05 12.66
N ASP D 33 -10.46 26.91 13.54
CA ASP D 33 -9.34 26.60 14.42
C ASP D 33 -9.74 25.45 15.37
N LEU D 34 -10.99 25.45 15.80
CA LEU D 34 -11.50 24.39 16.66
C LEU D 34 -11.70 23.09 15.87
N VAL D 35 -12.07 23.19 14.60
CA VAL D 35 -12.10 22.00 13.74
C VAL D 35 -10.70 21.40 13.55
N GLU D 36 -9.69 22.25 13.37
CA GLU D 36 -8.32 21.77 13.16
C GLU D 36 -7.77 21.08 14.42
N ALA D 37 -7.99 21.69 15.57
CA ALA D 37 -7.50 21.18 16.83
C ALA D 37 -8.22 19.86 17.18
N ALA D 38 -9.51 19.79 16.83
CA ALA D 38 -10.31 18.55 17.03
C ALA D 38 -9.80 17.39 16.20
N VAL D 39 -9.41 17.67 14.96
CA VAL D 39 -8.90 16.64 14.08
C VAL D 39 -7.56 16.18 14.60
N ALA D 40 -6.74 17.11 15.08
CA ALA D 40 -5.42 16.76 15.59
C ALA D 40 -5.59 15.88 16.82
N GLU D 41 -6.62 16.15 17.63
CA GLU D 41 -6.87 15.33 18.82
C GLU D 41 -7.41 13.97 18.34
N ALA D 42 -8.31 13.95 17.35
CA ALA D 42 -8.75 12.66 16.75
C ALA D 42 -7.59 11.72 16.35
N LEU D 43 -6.49 12.31 15.89
CA LEU D 43 -5.41 11.50 15.37
C LEU D 43 -4.50 10.94 16.47
N THR D 44 -4.80 11.21 17.75
CA THR D 44 -4.17 10.45 18.86
C THR D 44 -4.72 9.02 18.96
N ALA D 45 -5.93 8.76 18.44
CA ALA D 45 -6.41 7.36 18.24
C ALA D 45 -5.31 6.40 17.80
N PRO D 46 -5.37 5.16 18.26
CA PRO D 46 -4.35 4.20 17.97
C PRO D 46 -4.40 3.79 16.51
N ALA D 47 -3.33 3.16 16.06
CA ALA D 47 -3.19 2.75 14.68
C ALA D 47 -2.09 1.73 14.60
N PRO D 48 -2.27 0.70 13.77
CA PRO D 48 -1.23 -0.25 13.66
C PRO D 48 0.11 0.41 13.33
N HIS D 49 1.15 -0.08 14.00
CA HIS D 49 2.54 0.30 13.75
C HIS D 49 2.82 0.59 12.27
N HIS D 50 3.34 1.80 12.04
CA HIS D 50 3.83 2.25 10.73
C HIS D 50 2.71 2.32 9.68
N THR D 51 1.50 2.67 10.11
CA THR D 51 0.40 2.91 9.20
C THR D 51 -0.21 4.25 9.51
N ARG D 52 -0.93 4.79 8.54
CA ARG D 52 -1.79 5.95 8.72
C ARG D 52 -3.09 5.62 7.97
N PRO D 53 -3.99 4.88 8.64
CA PRO D 53 -5.26 4.47 8.06
C PRO D 53 -6.20 5.63 7.75
N THR D 54 -6.09 6.73 8.47
CA THR D 54 -7.14 7.71 8.43
C THR D 54 -6.77 8.94 7.68
N ARG D 55 -7.73 9.42 6.87
CA ARG D 55 -7.71 10.80 6.38
C ARG D 55 -9.04 11.41 6.66
N PHE D 56 -9.03 12.70 6.98
CA PHE D 56 -10.23 13.45 7.12
C PHE D 56 -10.33 14.47 6.00
N VAL D 57 -11.43 14.44 5.26
CA VAL D 57 -11.62 15.32 4.13
C VAL D 57 -12.67 16.32 4.48
N TRP D 58 -12.25 17.56 4.64
CA TRP D 58 -13.10 18.66 5.10
C TRP D 58 -13.66 19.35 3.86
N LEU D 59 -14.98 19.27 3.67
CA LEU D 59 -15.62 19.83 2.47
C LEU D 59 -15.88 21.27 2.66
N GLN D 60 -14.85 22.08 2.50
CA GLN D 60 -15.06 23.51 2.65
C GLN D 60 -15.83 24.20 1.52
N THR D 61 -15.67 23.76 0.29
CA THR D 61 -16.27 24.49 -0.83
C THR D 61 -17.74 24.11 -0.93
N PRO D 62 -18.65 25.09 -0.71
CA PRO D 62 -20.08 24.73 -0.65
C PRO D 62 -20.61 24.08 -1.92
N ALA D 63 -20.18 24.54 -3.10
CA ALA D 63 -20.58 23.93 -4.39
C ALA D 63 -20.25 22.46 -4.45
N ILE D 64 -19.05 22.11 -4.01
CA ILE D 64 -18.61 20.74 -4.01
C ILE D 64 -19.50 19.88 -3.09
N ARG D 65 -19.71 20.34 -1.86
CA ARG D 65 -20.56 19.67 -0.94
C ARG D 65 -21.88 19.44 -1.55
N ALA D 66 -22.45 20.50 -2.12
CA ALA D 66 -23.81 20.37 -2.67
C ALA D 66 -23.89 19.38 -3.86
N ARG D 67 -22.93 19.42 -4.78
CA ARG D 67 -22.97 18.52 -5.94
C ARG D 67 -22.81 17.06 -5.45
N LEU D 68 -21.97 16.83 -4.46
CA LEU D 68 -21.81 15.46 -3.93
C LEU D 68 -23.13 14.95 -3.32
N LEU D 69 -23.76 15.75 -2.46
CA LEU D 69 -25.02 15.32 -1.81
C LEU D 69 -26.15 15.12 -2.80
N ASP D 70 -26.21 16.01 -3.79
CA ASP D 70 -27.19 15.86 -4.89
C ASP D 70 -26.99 14.54 -5.67
N ARG D 71 -25.77 14.17 -6.04
CA ARG D 71 -25.61 12.93 -6.76
C ARG D 71 -25.89 11.74 -5.86
N MET D 72 -25.58 11.89 -4.57
CA MET D 72 -25.90 10.83 -3.63
C MET D 72 -27.39 10.61 -3.52
N LYS D 73 -28.11 11.72 -3.40
CA LYS D 73 -29.57 11.68 -3.28
C LYS D 73 -30.17 11.01 -4.53
N ASP D 74 -29.60 11.26 -5.70
CA ASP D 74 -30.15 10.61 -6.87
C ASP D 74 -29.87 9.09 -6.96
N LYS D 75 -28.68 8.69 -6.59
CA LYS D 75 -28.39 7.30 -6.46
C LYS D 75 -29.32 6.61 -5.40
N TRP D 76 -29.53 7.20 -4.24
CA TRP D 76 -30.48 6.61 -3.27
C TRP D 76 -31.82 6.32 -3.88
N ARG D 77 -32.34 7.29 -4.60
CA ARG D 77 -33.64 7.15 -5.19
C ARG D 77 -33.68 6.07 -6.29
N SER D 78 -32.58 6.02 -7.06
CA SER D 78 -32.37 4.92 -8.01
C SER D 78 -32.34 3.56 -7.34
N ASP D 79 -31.48 3.40 -6.35
CA ASP D 79 -31.32 2.09 -5.71
C ASP D 79 -32.66 1.62 -5.07
N LEU D 80 -33.32 2.56 -4.36
CA LEU D 80 -34.54 2.26 -3.63
C LEU D 80 -35.68 1.99 -4.58
N THR D 81 -35.74 2.69 -5.70
CA THR D 81 -36.81 2.47 -6.68
C THR D 81 -36.72 1.03 -7.22
N SER D 82 -35.52 0.68 -7.64
CA SER D 82 -35.20 -0.68 -8.03
C SER D 82 -35.49 -1.74 -6.89
N ASP D 83 -35.29 -1.38 -5.62
CA ASP D 83 -35.67 -2.23 -4.51
C ASP D 83 -37.20 -2.36 -4.46
N GLY D 84 -37.94 -1.44 -5.06
CA GLY D 84 -39.37 -1.53 -5.00
C GLY D 84 -39.97 -0.84 -3.80
N LEU D 85 -39.21 0.01 -3.13
CA LEU D 85 -39.79 0.95 -2.16
C LEU D 85 -40.78 1.91 -2.82
N PRO D 86 -41.96 2.11 -2.23
CA PRO D 86 -42.83 3.12 -2.80
C PRO D 86 -42.25 4.53 -2.63
N ALA D 87 -42.61 5.44 -3.56
CA ALA D 87 -42.05 6.84 -3.61
C ALA D 87 -42.19 7.62 -2.30
N ASP D 88 -43.34 7.45 -1.68
CA ASP D 88 -43.58 7.84 -0.32
C ASP D 88 -42.39 7.48 0.61
N ALA D 89 -42.11 6.18 0.75
CA ALA D 89 -41.09 5.71 1.69
C ALA D 89 -39.69 6.12 1.30
N ILE D 90 -39.46 6.30 0.01
CA ILE D 90 -38.17 6.70 -0.50
C ILE D 90 -37.84 8.12 -0.01
N GLU D 91 -38.83 9.02 -0.04
CA GLU D 91 -38.63 10.43 0.35
C GLU D 91 -38.46 10.60 1.84
N ARG D 92 -39.16 9.80 2.63
CA ARG D 92 -38.81 9.69 4.04
C ARG D 92 -37.36 9.30 4.20
N ARG D 93 -36.87 8.31 3.46
CA ARG D 93 -35.44 7.97 3.64
C ARG D 93 -34.55 9.17 3.32
N VAL D 94 -34.77 9.78 2.16
CA VAL D 94 -33.89 10.84 1.64
C VAL D 94 -33.86 12.04 2.57
N ALA D 95 -35.02 12.43 3.12
CA ALA D 95 -35.08 13.54 4.08
C ALA D 95 -34.15 13.32 5.27
N ARG D 96 -33.81 12.07 5.57
CA ARG D 96 -32.81 11.77 6.62
C ARG D 96 -31.39 12.33 6.32
N GLY D 97 -31.04 12.50 5.05
CA GLY D 97 -29.79 13.21 4.68
C GLY D 97 -29.85 14.74 4.68
N GLN D 98 -31.01 15.32 4.93
CA GLN D 98 -31.10 16.78 4.96
C GLN D 98 -30.04 17.43 5.85
N ILE D 99 -29.70 16.74 6.92
CA ILE D 99 -28.76 17.24 7.88
C ILE D 99 -27.36 17.52 7.29
N LEU D 100 -26.96 16.83 6.23
CA LEU D 100 -25.64 17.09 5.66
C LEU D 100 -25.67 18.36 4.78
N TYR D 101 -26.83 18.72 4.27
CA TYR D 101 -26.92 19.93 3.48
C TYR D 101 -26.88 21.15 4.37
N ASP D 102 -27.56 21.04 5.53
CA ASP D 102 -27.72 22.16 6.50
C ASP D 102 -26.60 22.31 7.51
N ALA D 103 -25.83 21.25 7.77
CA ALA D 103 -24.74 21.32 8.75
C ALA D 103 -23.77 22.44 8.43
N PRO D 104 -23.33 23.20 9.46
CA PRO D 104 -22.31 24.21 9.18
C PRO D 104 -21.03 23.66 8.58
N GLU D 105 -20.54 22.54 9.07
CA GLU D 105 -19.38 21.89 8.44
C GLU D 105 -19.60 20.38 8.22
N VAL D 106 -18.95 19.85 7.20
CA VAL D 106 -18.95 18.42 6.93
C VAL D 106 -17.57 17.94 6.66
N VAL D 107 -17.16 16.92 7.40
CA VAL D 107 -15.90 16.23 7.19
C VAL D 107 -16.17 14.76 6.85
N ILE D 108 -15.55 14.24 5.78
CA ILE D 108 -15.60 12.85 5.39
C ILE D 108 -14.37 12.11 5.93
N PRO D 109 -14.56 11.20 6.90
CA PRO D 109 -13.45 10.32 7.27
C PRO D 109 -13.20 9.31 6.18
N MET D 110 -11.92 9.05 5.90
CA MET D 110 -11.57 8.07 4.88
C MET D 110 -10.50 7.11 5.32
N LEU D 111 -10.69 5.86 4.89
CA LEU D 111 -9.73 4.82 5.01
C LEU D 111 -8.79 4.92 3.81
N VAL D 112 -7.49 4.83 4.08
CA VAL D 112 -6.48 4.85 3.09
C VAL D 112 -5.49 3.77 3.50
N PRO D 113 -5.07 2.90 2.56
CA PRO D 113 -4.28 1.76 2.99
C PRO D 113 -2.78 2.12 3.07
N ASP D 114 -2.50 3.24 3.73
CA ASP D 114 -1.16 3.78 3.87
C ASP D 114 -0.37 2.94 4.86
N GLY D 115 0.62 2.21 4.40
CA GLY D 115 1.39 1.32 5.29
C GLY D 115 0.80 -0.10 5.45
N ALA D 116 -0.20 -0.48 4.67
CA ALA D 116 -0.80 -1.86 4.73
C ALA D 116 0.14 -2.96 4.26
N HIS D 117 0.09 -4.14 4.90
CA HIS D 117 0.96 -5.24 4.43
C HIS D 117 0.21 -5.97 3.30
N SER D 118 0.96 -6.48 2.32
CA SER D 118 0.34 -7.16 1.20
C SER D 118 0.52 -8.68 1.38
N TYR D 119 -0.62 -9.37 1.34
CA TYR D 119 -0.70 -10.79 1.49
C TYR D 119 -1.18 -11.37 0.16
N PRO D 120 -0.80 -12.61 -0.16
CA PRO D 120 -1.22 -13.27 -1.41
C PRO D 120 -2.61 -13.81 -1.42
N ASP D 121 -3.23 -13.89 -0.26
CA ASP D 121 -4.43 -14.67 -0.05
C ASP D 121 -5.55 -13.72 0.35
N ALA D 122 -6.78 -14.09 0.00
CA ALA D 122 -7.94 -13.28 0.28
C ALA D 122 -8.28 -13.10 1.77
N ALA D 123 -8.03 -14.09 2.61
CA ALA D 123 -8.44 -14.03 3.99
C ALA D 123 -7.68 -12.93 4.75
N ARG D 124 -6.36 -12.87 4.55
CA ARG D 124 -5.51 -12.00 5.28
C ARG D 124 -5.56 -10.60 4.71
N THR D 125 -5.87 -10.49 3.45
CA THR D 125 -6.12 -9.23 2.81
C THR D 125 -7.43 -8.65 3.39
N ASP D 126 -8.52 -9.41 3.45
CA ASP D 126 -9.78 -8.88 4.06
C ASP D 126 -9.50 -8.54 5.50
N ALA D 127 -8.63 -9.32 6.18
CA ALA D 127 -8.33 -9.05 7.58
C ALA D 127 -7.56 -7.75 7.80
N GLU D 128 -6.54 -7.50 6.97
CA GLU D 128 -5.81 -6.23 6.96
C GLU D 128 -6.75 -5.05 6.73
N HIS D 129 -7.65 -5.16 5.74
CA HIS D 129 -8.69 -4.12 5.51
C HIS D 129 -9.59 -3.85 6.72
N THR D 130 -9.96 -4.92 7.42
CA THR D 130 -10.79 -4.78 8.62
C THR D 130 -9.98 -4.08 9.71
N MET D 131 -8.69 -4.39 9.82
CA MET D 131 -7.85 -3.71 10.81
C MET D 131 -7.77 -2.22 10.59
N PHE D 132 -7.70 -1.83 9.33
CA PHE D 132 -7.64 -0.42 8.96
C PHE D 132 -9.01 0.24 9.23
N THR D 133 -10.08 -0.44 8.86
CA THR D 133 -11.43 0.07 9.10
C THR D 133 -11.68 0.35 10.60
N VAL D 134 -11.22 -0.51 11.51
CA VAL D 134 -11.47 -0.30 12.94
CA VAL D 134 -11.49 -0.27 12.94
C VAL D 134 -10.65 0.87 13.44
N ALA D 135 -9.42 0.97 12.95
CA ALA D 135 -8.54 2.09 13.22
C ALA D 135 -9.22 3.39 12.81
N VAL D 136 -9.85 3.45 11.66
CA VAL D 136 -10.54 4.69 11.30
C VAL D 136 -11.75 4.99 12.21
N GLY D 137 -12.47 3.96 12.64
CA GLY D 137 -13.58 4.17 13.52
C GLY D 137 -13.13 4.76 14.86
N ALA D 138 -11.95 4.35 15.31
CA ALA D 138 -11.41 4.86 16.55
C ALA D 138 -11.05 6.33 16.37
N ALA D 139 -10.51 6.68 15.21
CA ALA D 139 -10.20 8.07 14.95
C ALA D 139 -11.49 8.92 14.88
N VAL D 140 -12.58 8.35 14.38
CA VAL D 140 -13.88 9.07 14.32
C VAL D 140 -14.42 9.36 15.73
N GLN D 141 -14.48 8.37 16.60
CA GLN D 141 -14.93 8.55 17.95
C GLN D 141 -14.11 9.66 18.57
N ALA D 142 -12.79 9.58 18.44
CA ALA D 142 -11.93 10.59 19.04
C ALA D 142 -12.27 12.00 18.53
N LEU D 143 -12.52 12.14 17.23
CA LEU D 143 -13.00 13.42 16.66
C LEU D 143 -14.32 13.87 17.27
N LEU D 144 -15.29 12.94 17.42
CA LEU D 144 -16.61 13.29 18.00
C LEU D 144 -16.41 13.86 19.41
N VAL D 145 -15.61 13.17 20.23
CA VAL D 145 -15.36 13.57 21.61
C VAL D 145 -14.52 14.86 21.69
N ALA D 146 -13.51 14.97 20.83
CA ALA D 146 -12.69 16.17 20.74
C ALA D 146 -13.56 17.38 20.44
N LEU D 147 -14.50 17.21 19.52
CA LEU D 147 -15.46 18.30 19.26
C LEU D 147 -16.31 18.62 20.50
N ALA D 148 -16.91 17.61 21.14
CA ALA D 148 -17.78 17.86 22.33
C ALA D 148 -17.14 18.70 23.41
N VAL D 149 -15.89 18.38 23.75
CA VAL D 149 -15.18 19.07 24.84
C VAL D 149 -14.74 20.47 24.43
N ARG D 150 -14.78 20.73 23.12
CA ARG D 150 -14.73 22.10 22.60
C ARG D 150 -16.15 22.67 22.40
N GLY D 151 -17.20 21.99 22.90
CA GLY D 151 -18.56 22.52 22.81
C GLY D 151 -19.17 22.49 21.43
N LEU D 152 -18.68 21.63 20.54
CA LEU D 152 -19.34 21.48 19.29
C LEU D 152 -20.03 20.09 19.21
N GLY D 153 -21.29 20.07 18.78
CA GLY D 153 -21.98 18.83 18.52
C GLY D 153 -21.50 18.28 17.19
N SER D 154 -21.80 17.00 16.95
CA SER D 154 -21.59 16.39 15.67
C SER D 154 -22.56 15.25 15.47
N CYS D 155 -22.71 14.82 14.22
CA CYS D 155 -23.47 13.61 13.88
C CYS D 155 -22.72 12.92 12.80
N TRP D 156 -22.34 11.69 13.09
CA TRP D 156 -21.90 10.71 12.10
C TRP D 156 -23.11 10.17 11.28
N ILE D 157 -23.01 10.26 9.95
CA ILE D 157 -24.05 9.84 9.01
C ILE D 157 -23.41 8.82 8.06
N GLY D 158 -24.05 7.68 7.93
CA GLY D 158 -23.37 6.55 7.29
C GLY D 158 -23.34 6.61 5.77
N SER D 159 -24.11 7.51 5.18
CA SER D 159 -24.42 7.41 3.75
C SER D 159 -23.25 7.24 2.75
N THR D 160 -22.15 7.95 2.94
CA THR D 160 -21.05 7.85 1.94
C THR D 160 -20.46 6.43 1.77
N ILE D 161 -20.45 5.67 2.85
CA ILE D 161 -20.13 4.21 2.81
C ILE D 161 -20.88 3.50 1.70
N PHE D 162 -22.13 3.91 1.45
CA PHE D 162 -22.94 3.26 0.40
C PHE D 162 -22.83 3.94 -0.95
N ALA D 163 -21.87 4.85 -1.14
CA ALA D 163 -21.73 5.56 -2.41
C ALA D 163 -20.26 5.89 -2.63
N ALA D 164 -19.44 4.89 -2.38
CA ALA D 164 -18.05 5.02 -2.39
C ALA D 164 -17.59 5.50 -3.74
N ASP D 165 -18.03 4.86 -4.84
CA ASP D 165 -17.67 5.31 -6.21
C ASP D 165 -18.00 6.76 -6.53
N LEU D 166 -19.21 7.22 -6.21
CA LEU D 166 -19.58 8.60 -6.38
C LEU D 166 -18.72 9.56 -5.55
N VAL D 167 -18.36 9.18 -4.33
CA VAL D 167 -17.53 10.10 -3.48
C VAL D 167 -16.16 10.29 -4.11
N ARG D 168 -15.57 9.20 -4.60
CA ARG D 168 -14.23 9.28 -5.20
C ARG D 168 -14.30 10.06 -6.53
N ASP D 169 -15.30 9.76 -7.36
CA ASP D 169 -15.44 10.49 -8.61
C ASP D 169 -15.61 11.97 -8.33
N GLU D 170 -16.56 12.31 -7.48
CA GLU D 170 -16.86 13.69 -7.21
C GLU D 170 -15.69 14.47 -6.52
N LEU D 171 -14.87 13.81 -5.69
CA LEU D 171 -13.80 14.52 -4.99
C LEU D 171 -12.45 14.27 -5.64
N ASP D 172 -12.44 13.56 -6.77
CA ASP D 172 -11.23 13.25 -7.52
C ASP D 172 -10.17 12.46 -6.75
N LEU D 173 -10.56 11.47 -5.98
CA LEU D 173 -9.59 10.74 -5.16
C LEU D 173 -9.21 9.43 -5.83
N PRO D 174 -8.08 8.86 -5.44
CA PRO D 174 -7.80 7.54 -6.02
C PRO D 174 -8.71 6.36 -5.53
N VAL D 175 -8.57 5.24 -6.21
CA VAL D 175 -9.51 4.14 -6.12
C VAL D 175 -9.52 3.53 -4.73
N ASP D 176 -8.41 3.65 -3.99
CA ASP D 176 -8.25 3.00 -2.69
C ASP D 176 -8.54 3.89 -1.48
N TRP D 177 -8.95 5.15 -1.72
CA TRP D 177 -9.53 5.99 -0.66
C TRP D 177 -10.97 5.60 -0.50
N GLU D 178 -11.34 5.13 0.68
CA GLU D 178 -12.71 4.64 0.95
C GLU D 178 -13.37 5.48 2.03
N PRO D 179 -14.53 6.09 1.72
CA PRO D 179 -15.16 6.98 2.68
C PRO D 179 -15.89 6.18 3.71
N LEU D 180 -15.85 6.65 4.95
CA LEU D 180 -16.51 5.99 6.04
C LEU D 180 -17.59 6.83 6.68
N GLY D 181 -18.36 7.53 5.86
CA GLY D 181 -19.47 8.31 6.32
C GLY D 181 -19.24 9.78 6.10
N ALA D 182 -19.93 10.59 6.89
CA ALA D 182 -19.77 12.04 6.90
C ALA D 182 -20.03 12.50 8.32
N ILE D 183 -19.29 13.50 8.76
CA ILE D 183 -19.56 14.08 10.07
C ILE D 183 -20.06 15.51 9.98
N ALA D 184 -21.33 15.70 10.35
CA ALA D 184 -21.93 16.99 10.42
C ALA D 184 -21.44 17.66 11.71
N ILE D 185 -20.99 18.91 11.61
CA ILE D 185 -20.41 19.63 12.73
C ILE D 185 -21.16 20.95 12.92
N GLY D 186 -21.36 21.32 14.18
CA GLY D 186 -21.93 22.60 14.54
C GLY D 186 -22.23 22.75 16.04
N TYR D 187 -22.54 23.98 16.43
CA TYR D 187 -23.05 24.22 17.76
C TYR D 187 -24.46 23.68 17.80
N ALA D 188 -24.79 22.99 18.89
CA ALA D 188 -26.08 22.35 19.02
C ALA D 188 -27.20 23.38 19.25
N ASP D 189 -28.38 23.13 18.73
CA ASP D 189 -29.47 24.08 18.89
C ASP D 189 -30.01 24.07 20.32
N GLU D 190 -30.17 22.89 20.94
CA GLU D 190 -30.58 22.84 22.37
C GLU D 190 -29.51 22.04 23.16
N PRO D 191 -29.05 22.54 24.33
CA PRO D 191 -27.93 21.88 24.99
C PRO D 191 -28.33 20.71 25.90
N ASP D 202 -24.16 -7.02 30.16
CA ASP D 202 -25.21 -6.52 29.26
C ASP D 202 -24.72 -6.68 27.80
N LEU D 203 -23.81 -5.84 27.39
CA LEU D 203 -23.08 -6.04 26.19
C LEU D 203 -21.67 -6.52 26.58
N LEU D 204 -21.53 -7.03 27.81
CA LEU D 204 -20.31 -7.64 28.32
C LEU D 204 -20.47 -9.17 28.44
N ILE D 205 -19.51 -9.91 27.91
CA ILE D 205 -19.59 -11.34 27.92
C ILE D 205 -18.39 -11.80 28.75
N LEU D 206 -18.58 -12.71 29.71
CA LEU D 206 -17.50 -13.25 30.49
C LEU D 206 -17.16 -14.66 30.05
N LYS D 207 -15.89 -14.90 29.82
CA LYS D 207 -15.34 -16.23 29.56
C LYS D 207 -14.17 -16.38 30.46
N1 FMN E . 10.17 -12.16 -26.41
C2 FMN E . 9.26 -12.96 -27.00
O2 FMN E . 9.68 -13.87 -27.74
N3 FMN E . 7.91 -12.84 -26.82
C4 FMN E . 7.39 -11.88 -26.01
O4 FMN E . 6.16 -11.77 -25.82
C4A FMN E . 8.35 -10.94 -25.35
N5 FMN E . 7.93 -9.97 -24.50
C5A FMN E . 8.86 -9.15 -23.91
C6 FMN E . 8.43 -8.16 -23.05
C7 FMN E . 9.31 -7.30 -22.40
C7M FMN E . 8.79 -6.24 -21.50
C8 FMN E . 10.76 -7.42 -22.63
C8M FMN E . 11.67 -6.48 -21.91
C9 FMN E . 11.25 -8.42 -23.48
C9A FMN E . 10.34 -9.30 -24.13
N10 FMN E . 10.77 -10.33 -25.00
C10 FMN E . 9.81 -11.16 -25.61
C1' FMN E . 12.19 -10.55 -25.25
C2' FMN E . 12.64 -9.57 -26.30
O2' FMN E . 11.99 -10.01 -27.50
C3' FMN E . 14.16 -9.60 -26.43
O3' FMN E . 14.68 -8.88 -25.29
C4' FMN E . 14.72 -8.98 -27.74
O4' FMN E . 14.30 -9.78 -28.87
C5' FMN E . 16.25 -8.75 -27.69
O5' FMN E . 16.89 -9.95 -27.22
P FMN E . 18.01 -10.07 -26.06
O1P FMN E . 19.05 -8.94 -26.03
O2P FMN E . 17.21 -9.96 -24.76
O3P FMN E . 18.53 -11.47 -26.38
N1 FMN F . 16.94 6.43 -2.79
C2 FMN F . 16.96 7.70 -2.25
O2 FMN F . 17.77 7.94 -1.34
N3 FMN F . 16.15 8.70 -2.66
C4 FMN F . 15.24 8.52 -3.65
O4 FMN F . 14.48 9.48 -4.03
C4A FMN F . 15.15 7.16 -4.28
N5 FMN F . 14.26 6.89 -5.28
C5A FMN F . 14.25 5.61 -5.83
C6 FMN F . 13.37 5.34 -6.88
C7 FMN F . 13.30 4.08 -7.47
C7M FMN F . 12.33 3.81 -8.58
C8 FMN F . 14.20 2.99 -6.99
C8M FMN F . 14.07 1.64 -7.64
C9 FMN F . 15.09 3.22 -5.93
C9A FMN F . 15.16 4.49 -5.31
N10 FMN F . 16.09 4.78 -4.25
C10 FMN F . 16.08 6.10 -3.75
C1' FMN F . 17.11 3.83 -3.71
C2' FMN F . 16.58 2.99 -2.56
O2' FMN F . 16.29 3.82 -1.43
C3' FMN F . 17.59 1.90 -2.18
O3' FMN F . 17.53 0.90 -3.22
C4' FMN F . 17.33 1.36 -0.72
O4' FMN F . 17.74 2.34 0.23
C5' FMN F . 18.14 0.18 -0.22
O5' FMN F . 18.60 -0.60 -1.31
P FMN F . 20.11 -0.69 -1.80
O1P FMN F . 20.96 0.12 -0.88
O2P FMN F . 20.23 -2.18 -1.78
O3P FMN F . 20.01 -0.24 -3.26
N1 FMN G . 0.41 -2.78 18.93
C2 FMN G . 1.13 -3.91 19.09
O2 FMN G . 2.15 -3.84 19.80
N3 FMN G . 0.80 -5.08 18.50
C4 FMN G . -0.31 -5.17 17.72
O4 FMN G . -0.65 -6.25 17.17
C4A FMN G . -1.16 -4.00 17.52
N5 FMN G . -2.27 -4.09 16.77
C5A FMN G . -3.03 -2.98 16.61
C6 FMN G . -4.17 -3.09 15.85
C7 FMN G . -5.01 -2.01 15.66
C7M FMN G . -6.26 -2.21 14.83
C8 FMN G . -4.67 -0.69 16.29
C8M FMN G . -5.56 0.51 16.11
C9 FMN G . -3.52 -0.57 17.07
C9A FMN G . -2.68 -1.67 17.28
N10 FMN G . -1.49 -1.57 18.06
C10 FMN G . -0.73 -2.74 18.20
C1' FMN G . -1.10 -0.34 18.77
C2' FMN G . -0.45 0.65 17.83
O2' FMN G . 0.81 0.13 17.35
C3' FMN G . -0.28 2.02 18.51
O3' FMN G . -1.54 2.66 18.62
C4' FMN G . 0.73 2.93 17.79
O4' FMN G . 1.98 2.29 18.02
C5' FMN G . 0.81 4.43 18.19
O5' FMN G . 0.96 4.60 19.62
P FMN G . -0.27 5.19 20.50
O1P FMN G . -1.44 4.23 20.39
O2P FMN G . 0.24 5.23 21.91
O3P FMN G . -0.60 6.49 19.86
N1 FMN H . -27.51 8.90 12.61
C2 FMN H . -28.38 9.43 11.68
O2 FMN H . -29.25 10.20 12.10
N3 FMN H . -28.31 9.14 10.37
C4 FMN H . -27.38 8.31 9.88
O4 FMN H . -27.37 8.08 8.64
C4A FMN H . -26.36 7.69 10.83
N5 FMN H . -25.35 6.84 10.45
C5A FMN H . -24.49 6.31 11.35
C6 FMN H . -23.47 5.49 10.91
C7 FMN H . -22.55 4.95 11.82
C7M FMN H . -21.43 4.04 11.40
C8 FMN H . -22.68 5.28 13.25
C8M FMN H . -21.72 4.72 14.23
C9 FMN H . -23.68 6.13 13.69
C9A FMN H . -24.61 6.65 12.81
N10 FMN H . -25.65 7.51 13.23
C10 FMN H . -26.52 8.06 12.26
C1' FMN H . -25.81 7.96 14.64
C2' FMN H . -26.58 6.95 15.45
O2' FMN H . -27.92 6.87 14.98
C3' FMN H . -26.58 7.38 16.92
O3' FMN H . -25.23 7.40 17.39
C4' FMN H . -27.41 6.44 17.79
O4' FMN H . -28.78 6.55 17.36
C5' FMN H . -27.26 6.71 19.30
O5' FMN H . -27.08 8.10 19.43
P FMN H . -26.07 8.87 20.41
O1P FMN H . -24.80 8.93 19.58
O2P FMN H . -26.73 10.20 20.54
O3P FMN H . -26.02 8.05 21.66
#